data_3C2A
#
_entry.id   3C2A
#
_cell.length_a   70.251
_cell.length_b   76.482
_cell.length_c   114.130
_cell.angle_alpha   90.00
_cell.angle_beta   101.49
_cell.angle_gamma   90.00
#
_symmetry.space_group_name_H-M   'P 1 21 1'
#
loop_
_entity.id
_entity.type
_entity.pdbx_description
1 polymer 'Fab 447-52D light chain'
2 polymer 'Fab 447-52D heavy chain'
3 polymer 'Envelope glycoprotein'
4 water water
#
loop_
_entity_poly.entity_id
_entity_poly.type
_entity_poly.pdbx_seq_one_letter_code
_entity_poly.pdbx_strand_id
1 'polypeptide(L)'
;QSVLTQPPSVSAAPGQKVTISCSGSSSNIGNNYVLWYQQFPGTAPKLLIYGNNKRPSGIPDRFSGSKSGTSATLGITGLQ
TGDEADYFCATWDSGLSADWVFGGGTKLTVLSQPKAAPSVTLFPPSSEELQANKATLVCLISDFYPGAVTVAWKADSSPV
KAGVETTTPSKQSNNKYAASSYLSLTPEQWKSHRSYSCQVTHEGSTVEKTVAPTEC
;
L,M
2 'polypeptide(L)'
;EVQLVESGGGLVKPGGSLRLTCVASGFTFSDVWLNWVRQAPGKGLEWVGRIKSRTDGGTTDYAASVKGRFTISRDDSKNT
LYLQMNSLKTEDTAVYSCTTDGFIMIRGVSEDYYYYYMDVWGKGTTVTVSSASTKGPSVFPLAPCSRSTSGGTAALGCLV
KDYFPEPVTVSWNSGALTSGVHTFPAVLQSSGLYSLSSVVTVPSSSLGTQTYTCNVNHKPSNTKVDKRVEL
;
H,I
3 'polypeptide(L)' KSIHLGPGRAFYA P,Q
#
# COMPACT_ATOMS: atom_id res chain seq x y z
N GLN A 1 -4.85 -30.18 13.00
CA GLN A 1 -5.84 -29.90 11.92
C GLN A 1 -5.81 -30.98 10.81
N SER A 2 -5.54 -32.22 11.21
CA SER A 2 -5.74 -33.42 10.40
C SER A 2 -6.23 -34.45 11.39
N VAL A 3 -7.30 -35.15 11.06
CA VAL A 3 -7.91 -36.10 12.02
C VAL A 3 -6.93 -37.10 12.60
N LEU A 4 -6.10 -37.67 11.72
CA LEU A 4 -5.08 -38.63 12.09
C LEU A 4 -3.69 -37.94 11.93
N THR A 5 -2.78 -38.17 12.88
CA THR A 5 -1.53 -37.41 12.94
C THR A 5 -0.36 -38.23 12.39
N GLN A 6 0.28 -37.75 11.33
CA GLN A 6 1.53 -38.40 10.91
C GLN A 6 2.70 -37.42 10.95
N PRO A 7 3.94 -37.94 10.91
CA PRO A 7 5.06 -37.01 10.84
C PRO A 7 5.07 -36.38 9.42
N PRO A 8 5.49 -35.11 9.27
CA PRO A 8 5.40 -34.52 7.94
C PRO A 8 6.41 -35.12 6.97
N SER A 9 7.52 -35.61 7.52
CA SER A 9 8.69 -36.02 6.73
C SER A 9 9.37 -37.25 7.31
N VAL A 10 9.92 -38.13 6.47
CA VAL A 10 10.80 -39.25 6.91
C VAL A 10 11.76 -39.54 5.74
N SER A 11 12.95 -40.05 6.03
CA SER A 11 13.96 -40.29 4.98
C SER A 11 14.93 -41.36 5.43
N ALA A 12 15.56 -42.07 4.49
CA ALA A 12 16.67 -42.99 4.76
C ALA A 12 17.25 -43.34 3.41
N ALA A 13 18.43 -43.96 3.33
CA ALA A 13 19.03 -44.34 2.03
C ALA A 13 18.43 -45.62 1.41
N PRO A 14 18.72 -45.86 0.10
CA PRO A 14 18.29 -47.11 -0.48
C PRO A 14 18.80 -48.29 0.35
N GLY A 15 18.01 -49.36 0.43
CA GLY A 15 18.45 -50.55 1.13
C GLY A 15 17.94 -50.56 2.55
N GLN A 16 17.67 -49.37 3.09
CA GLN A 16 17.32 -49.22 4.50
C GLN A 16 15.85 -49.47 4.64
N LYS A 17 15.35 -49.32 5.87
CA LYS A 17 13.95 -49.40 6.18
C LYS A 17 13.49 -48.21 6.99
N VAL A 18 12.18 -48.05 7.04
CA VAL A 18 11.57 -46.88 7.61
C VAL A 18 10.20 -47.33 8.12
N THR A 19 9.74 -46.64 9.15
CA THR A 19 8.34 -46.69 9.59
C THR A 19 7.72 -45.30 9.61
N ILE A 20 6.41 -45.28 9.40
CA ILE A 20 5.62 -44.04 9.41
C ILE A 20 4.44 -44.32 10.35
N SER A 21 4.37 -43.56 11.44
CA SER A 21 3.28 -43.68 12.41
C SER A 21 2.04 -42.86 12.07
N CYS A 22 0.89 -43.32 12.54
CA CYS A 22 -0.35 -42.63 12.35
C CYS A 22 -1.14 -42.74 13.67
N SER A 23 -1.45 -41.59 14.24
CA SER A 23 -2.06 -41.49 15.57
C SER A 23 -3.49 -40.98 15.46
N GLY A 24 -4.40 -41.66 16.14
CA GLY A 24 -5.83 -41.34 16.11
C GLY A 24 -6.47 -41.48 17.48
N SER A 25 -7.76 -41.76 17.49
CA SER A 25 -8.56 -41.93 18.71
C SER A 25 -9.27 -43.31 18.65
N SER A 26 -10.04 -43.62 19.70
CA SER A 26 -10.83 -44.86 19.76
C SER A 26 -11.87 -44.83 18.66
N SER A 27 -12.32 -43.63 18.30
CA SER A 27 -13.43 -43.46 17.38
C SER A 27 -13.09 -43.65 15.92
N ASN A 28 -11.81 -43.59 15.57
CA ASN A 28 -11.43 -43.96 14.20
C ASN A 28 -10.57 -45.20 14.23
N ILE A 29 -9.27 -45.01 14.45
CA ILE A 29 -8.35 -46.16 14.38
C ILE A 29 -8.68 -47.24 15.41
N GLY A 30 -9.05 -46.81 16.62
CA GLY A 30 -9.39 -47.75 17.66
C GLY A 30 -10.46 -48.75 17.28
N ASN A 31 -11.60 -48.26 16.79
CA ASN A 31 -12.73 -49.14 16.41
C ASN A 31 -12.56 -49.77 15.03
N ASN A 32 -11.97 -49.03 14.07
CA ASN A 32 -12.02 -49.45 12.64
C ASN A 32 -10.69 -49.90 12.03
N TYR A 33 -10.68 -50.19 10.74
CA TYR A 33 -9.56 -50.81 10.04
C TYR A 33 -8.85 -49.77 9.20
N VAL A 34 -7.52 -49.78 9.25
CA VAL A 34 -6.71 -48.78 8.70
C VAL A 34 -6.20 -49.18 7.32
N LEU A 35 -6.05 -48.14 6.48
CA LEU A 35 -5.65 -48.23 5.09
C LEU A 35 -4.44 -47.35 4.92
N TRP A 36 -3.58 -47.69 3.95
CA TRP A 36 -2.45 -46.82 3.64
C TRP A 36 -2.41 -46.59 2.15
N TYR A 37 -2.03 -45.39 1.76
CA TYR A 37 -1.97 -45.06 0.37
C TYR A 37 -0.60 -44.48 0.11
N GLN A 38 -0.14 -44.74 -1.10
CA GLN A 38 1.02 -44.09 -1.68
C GLN A 38 0.50 -43.16 -2.81
N GLN A 39 1.00 -41.93 -2.84
CA GLN A 39 0.73 -41.01 -3.94
C GLN A 39 1.98 -40.36 -4.51
N PHE A 40 2.11 -40.44 -5.82
CA PHE A 40 3.08 -39.68 -6.55
C PHE A 40 2.51 -38.32 -7.02
N PRO A 41 3.38 -37.30 -7.23
CA PRO A 41 2.90 -36.00 -7.70
C PRO A 41 2.00 -36.15 -8.93
N GLY A 42 0.83 -35.51 -8.92
CA GLY A 42 0.02 -35.47 -10.12
C GLY A 42 -0.82 -36.73 -10.31
N THR A 43 -0.68 -37.69 -9.40
CA THR A 43 -1.18 -39.06 -9.64
C THR A 43 -2.16 -39.40 -8.55
N ALA A 44 -3.17 -40.23 -8.87
CA ALA A 44 -4.11 -40.80 -7.91
C ALA A 44 -3.40 -41.63 -6.81
N PRO A 45 -3.89 -41.56 -5.54
CA PRO A 45 -3.37 -42.39 -4.47
C PRO A 45 -3.56 -43.87 -4.82
N LYS A 46 -2.55 -44.68 -4.47
CA LYS A 46 -2.62 -46.12 -4.72
C LYS A 46 -2.78 -46.83 -3.41
N LEU A 47 -3.70 -47.78 -3.34
CA LEU A 47 -3.88 -48.52 -2.08
C LEU A 47 -2.67 -49.42 -1.87
N LEU A 48 -2.03 -49.27 -0.71
CA LEU A 48 -0.90 -50.05 -0.27
C LEU A 48 -1.24 -51.11 0.77
N ILE A 49 -2.11 -50.77 1.73
CA ILE A 49 -2.50 -51.65 2.85
C ILE A 49 -3.97 -51.46 3.14
N TYR A 50 -4.69 -52.54 3.45
CA TYR A 50 -6.07 -52.45 3.89
C TYR A 50 -6.23 -53.44 5.02
N GLY A 51 -7.29 -53.26 5.83
CA GLY A 51 -7.55 -54.19 6.92
C GLY A 51 -6.39 -54.22 7.90
N ASN A 52 -5.75 -53.05 8.12
CA ASN A 52 -4.60 -52.91 9.03
C ASN A 52 -3.29 -53.47 8.47
N ASN A 53 -3.33 -54.65 7.86
CA ASN A 53 -2.09 -55.35 7.47
C ASN A 53 -2.09 -56.16 6.16
N LYS A 54 -3.17 -56.07 5.39
CA LYS A 54 -3.29 -56.79 4.12
C LYS A 54 -2.82 -55.95 2.91
N ARG A 55 -2.03 -56.56 2.03
CA ARG A 55 -1.54 -55.99 0.79
C ARG A 55 -2.36 -56.47 -0.40
N PRO A 56 -2.84 -55.52 -1.22
CA PRO A 56 -3.46 -55.81 -2.53
C PRO A 56 -2.48 -56.64 -3.37
N SER A 57 -2.98 -57.34 -4.37
CA SER A 57 -2.06 -57.96 -5.32
C SER A 57 -1.17 -56.88 -5.97
N GLY A 58 0.12 -57.18 -6.13
CA GLY A 58 1.09 -56.30 -6.80
C GLY A 58 1.90 -55.48 -5.83
N ILE A 59 1.39 -55.35 -4.60
CA ILE A 59 2.16 -54.72 -3.54
C ILE A 59 3.14 -55.72 -2.87
N PRO A 60 4.48 -55.47 -2.98
CA PRO A 60 5.44 -56.46 -2.50
C PRO A 60 5.49 -56.49 -0.96
N ASP A 61 6.04 -57.57 -0.38
CA ASP A 61 6.03 -57.71 1.09
C ASP A 61 6.96 -56.77 1.85
N ARG A 62 7.76 -55.99 1.13
CA ARG A 62 8.52 -54.83 1.67
C ARG A 62 7.62 -53.84 2.41
N PHE A 63 6.34 -53.80 2.03
CA PHE A 63 5.35 -52.93 2.71
C PHE A 63 4.60 -53.81 3.67
N SER A 64 4.41 -53.28 4.88
CA SER A 64 3.73 -54.00 5.94
C SER A 64 3.05 -52.95 6.80
N GLY A 65 1.97 -53.34 7.43
CA GLY A 65 1.18 -52.40 8.23
C GLY A 65 0.89 -53.12 9.51
N SER A 66 0.70 -52.36 10.58
CA SER A 66 0.21 -52.93 11.82
C SER A 66 -0.63 -51.88 12.53
N LYS A 67 -1.40 -52.31 13.50
CA LYS A 67 -2.21 -51.41 14.30
C LYS A 67 -2.12 -51.90 15.71
N SER A 68 -2.04 -50.97 16.66
CA SER A 68 -2.27 -51.31 18.08
C SER A 68 -2.92 -50.14 18.76
N GLY A 69 -4.00 -50.42 19.48
CA GLY A 69 -4.72 -49.38 20.20
C GLY A 69 -5.25 -48.36 19.21
N THR A 70 -4.83 -47.11 19.39
CA THR A 70 -5.33 -46.03 18.56
C THR A 70 -4.27 -45.54 17.59
N SER A 71 -3.19 -46.30 17.39
CA SER A 71 -2.17 -45.94 16.41
C SER A 71 -2.00 -47.05 15.41
N ALA A 72 -1.44 -46.68 14.26
CA ALA A 72 -1.18 -47.61 13.16
C ALA A 72 0.20 -47.24 12.65
N THR A 73 0.92 -48.22 12.11
CA THR A 73 2.26 -48.00 11.58
C THR A 73 2.37 -48.67 10.20
N LEU A 74 3.12 -48.02 9.29
CA LEU A 74 3.42 -48.57 8.00
C LEU A 74 4.92 -48.80 8.01
N GLY A 75 5.38 -49.98 7.58
CA GLY A 75 6.82 -50.20 7.50
C GLY A 75 7.20 -50.41 6.05
N ILE A 76 8.34 -49.91 5.64
CA ILE A 76 8.87 -50.20 4.32
C ILE A 76 10.33 -50.62 4.53
N THR A 77 10.70 -51.78 4.01
CA THR A 77 12.07 -52.26 4.06
C THR A 77 12.68 -52.30 2.65
N GLY A 78 13.99 -52.55 2.57
CA GLY A 78 14.71 -52.54 1.30
C GLY A 78 14.30 -51.36 0.45
N LEU A 79 14.39 -50.15 1.02
CA LEU A 79 13.96 -48.93 0.33
C LEU A 79 14.57 -48.81 -1.04
N GLN A 80 13.71 -48.51 -2.03
CA GLN A 80 14.13 -48.23 -3.42
C GLN A 80 13.87 -46.76 -3.68
N THR A 81 14.65 -46.17 -4.58
CA THR A 81 14.42 -44.79 -4.97
C THR A 81 12.97 -44.58 -5.50
N GLY A 82 12.36 -45.63 -6.09
CA GLY A 82 11.00 -45.59 -6.60
C GLY A 82 9.93 -45.44 -5.51
N ASP A 83 10.32 -45.60 -4.25
CA ASP A 83 9.42 -45.42 -3.10
C ASP A 83 9.32 -43.96 -2.64
N GLU A 84 10.20 -43.09 -3.14
CA GLU A 84 10.08 -41.66 -2.80
C GLU A 84 8.70 -41.10 -3.26
N ALA A 85 7.84 -40.78 -2.28
CA ALA A 85 6.46 -40.45 -2.51
C ALA A 85 5.85 -39.99 -1.20
N ASP A 86 4.60 -39.51 -1.26
CA ASP A 86 3.81 -39.26 -0.05
C ASP A 86 2.99 -40.46 0.38
N TYR A 87 2.95 -40.72 1.68
CA TYR A 87 2.18 -41.84 2.28
C TYR A 87 1.19 -41.31 3.28
N PHE A 88 -0.05 -41.74 3.19
CA PHE A 88 -1.06 -41.29 4.16
C PHE A 88 -1.97 -42.42 4.65
N CYS A 89 -2.33 -42.36 5.93
CA CYS A 89 -3.21 -43.40 6.50
C CYS A 89 -4.64 -42.92 6.32
N ALA A 90 -5.59 -43.85 6.35
CA ALA A 90 -7.01 -43.53 6.24
C ALA A 90 -7.79 -44.57 7.07
N THR A 91 -8.88 -44.17 7.70
CA THR A 91 -9.81 -45.14 8.27
C THR A 91 -11.16 -44.46 8.21
N TRP A 92 -12.15 -44.88 8.98
CA TRP A 92 -13.37 -44.06 9.05
C TRP A 92 -13.75 -43.73 10.49
N ASP A 93 -14.69 -42.80 10.63
CA ASP A 93 -15.19 -42.37 11.93
C ASP A 93 -16.40 -43.21 12.39
N SER A 94 -16.50 -43.43 13.69
CA SER A 94 -17.63 -44.18 14.26
C SER A 94 -18.86 -43.32 14.58
N GLY A 95 -18.84 -42.05 14.19
CA GLY A 95 -19.91 -41.10 14.43
C GLY A 95 -21.06 -41.22 13.44
N LEU A 96 -22.06 -40.37 13.63
CA LEU A 96 -23.31 -40.42 12.86
C LEU A 96 -23.17 -40.26 11.34
N SER A 97 -22.03 -39.74 10.88
CA SER A 97 -21.87 -39.57 9.45
C SER A 97 -20.80 -40.48 8.89
N ALA A 98 -20.12 -41.23 9.78
CA ALA A 98 -19.21 -42.26 9.34
C ALA A 98 -18.25 -41.70 8.24
N ASP A 99 -17.67 -40.53 8.53
CA ASP A 99 -16.77 -39.89 7.56
C ASP A 99 -15.61 -40.82 7.31
N TRP A 100 -15.08 -40.89 6.08
CA TRP A 100 -13.72 -41.36 5.90
C TRP A 100 -12.82 -40.29 6.51
N VAL A 101 -11.69 -40.68 7.11
CA VAL A 101 -10.75 -39.74 7.73
C VAL A 101 -9.32 -40.12 7.36
N PHE A 102 -8.46 -39.12 7.28
CA PHE A 102 -7.13 -39.25 6.70
C PHE A 102 -6.02 -38.69 7.56
N GLY A 103 -4.84 -39.28 7.45
CA GLY A 103 -3.65 -38.64 7.98
C GLY A 103 -3.28 -37.44 7.14
N GLY A 104 -2.46 -36.55 7.66
CA GLY A 104 -2.02 -35.40 6.89
C GLY A 104 -1.03 -35.80 5.80
N GLY A 105 -0.48 -37.00 5.83
CA GLY A 105 0.54 -37.36 4.88
C GLY A 105 1.98 -37.28 5.38
N THR A 106 2.81 -38.23 4.91
CA THR A 106 4.25 -38.24 5.20
C THR A 106 5.02 -38.32 3.91
N LYS A 107 5.88 -37.34 3.62
CA LYS A 107 6.77 -37.44 2.46
C LYS A 107 8.04 -38.23 2.81
N LEU A 108 8.21 -39.36 2.13
CA LEU A 108 9.39 -40.19 2.32
C LEU A 108 10.46 -39.79 1.33
N THR A 109 11.62 -39.40 1.84
CA THR A 109 12.78 -39.22 0.94
C THR A 109 13.70 -40.44 0.91
N VAL A 110 14.01 -40.91 -0.28
CA VAL A 110 15.07 -41.88 -0.41
C VAL A 110 16.30 -41.11 -0.78
N LEU A 111 17.23 -41.07 0.17
CA LEU A 111 18.44 -40.22 0.07
C LEU A 111 19.31 -40.55 -1.13
N SER A 112 19.43 -39.58 -2.04
CA SER A 112 20.28 -39.72 -3.25
C SER A 112 21.47 -38.78 -3.22
N GLN A 113 21.46 -37.83 -2.27
CA GLN A 113 22.57 -36.91 -2.13
C GLN A 113 22.76 -36.57 -0.64
N PRO A 114 23.94 -36.03 -0.24
CA PRO A 114 24.08 -35.62 1.19
C PRO A 114 23.08 -34.56 1.66
N LYS A 115 22.70 -34.65 2.93
CA LYS A 115 21.81 -33.69 3.57
C LYS A 115 22.47 -32.36 3.44
N ALA A 116 21.66 -31.34 3.23
CA ALA A 116 22.17 -29.97 3.10
C ALA A 116 21.39 -29.08 4.04
N ALA A 117 22.10 -28.29 4.84
CA ALA A 117 21.40 -27.38 5.75
C ALA A 117 20.89 -26.19 4.94
N PRO A 118 19.75 -25.61 5.36
CA PRO A 118 19.22 -24.47 4.60
C PRO A 118 20.05 -23.20 4.75
N SER A 119 20.20 -22.47 3.66
CA SER A 119 20.64 -21.10 3.71
C SER A 119 19.43 -20.25 4.07
N VAL A 120 19.59 -19.34 5.04
CA VAL A 120 18.45 -18.54 5.55
C VAL A 120 18.86 -17.05 5.43
N THR A 121 17.95 -16.23 4.87
CA THR A 121 18.16 -14.77 4.77
C THR A 121 16.90 -14.12 5.32
N LEU A 122 17.08 -13.18 6.25
CA LEU A 122 15.98 -12.49 6.89
C LEU A 122 16.02 -10.99 6.57
N PHE A 123 14.97 -10.49 5.98
CA PHE A 123 14.96 -9.04 5.65
C PHE A 123 13.99 -8.27 6.56
N PRO A 124 14.36 -7.03 6.98
CA PRO A 124 13.44 -6.23 7.77
C PRO A 124 12.39 -5.59 6.83
N PRO A 125 11.33 -4.97 7.39
CA PRO A 125 10.45 -4.15 6.57
C PRO A 125 11.17 -2.94 5.94
N SER A 126 10.83 -2.62 4.71
CA SER A 126 11.51 -1.50 4.06
C SER A 126 10.92 -0.17 4.55
N SER A 127 11.76 0.86 4.49
CA SER A 127 11.37 2.23 4.77
C SER A 127 10.09 2.61 3.95
N GLU A 128 10.08 2.24 2.67
CA GLU A 128 8.91 2.47 1.77
C GLU A 128 7.64 1.81 2.32
N GLU A 129 7.74 0.57 2.75
CA GLU A 129 6.58 -0.17 3.20
C GLU A 129 6.05 0.44 4.47
N LEU A 130 6.94 0.72 5.40
CA LEU A 130 6.55 1.37 6.66
C LEU A 130 5.79 2.67 6.39
N GLN A 131 6.20 3.43 5.37
CA GLN A 131 5.44 4.60 4.97
C GLN A 131 4.11 4.26 4.29
N ALA A 132 3.97 3.02 3.79
CA ALA A 132 2.69 2.54 3.27
C ALA A 132 1.80 2.04 4.43
N ASN A 133 2.17 2.38 5.66
CA ASN A 133 1.51 1.86 6.88
C ASN A 133 1.48 0.32 7.04
N LYS A 134 2.51 -0.36 6.53
CA LYS A 134 2.60 -1.84 6.65
C LYS A 134 4.01 -2.27 7.01
N ALA A 135 4.18 -3.50 7.49
CA ALA A 135 5.51 -4.06 7.82
C ALA A 135 5.46 -5.57 7.67
N THR A 136 6.32 -6.10 6.77
CA THR A 136 6.54 -7.52 6.52
C THR A 136 8.02 -7.85 6.80
N LEU A 137 8.28 -8.83 7.69
CA LEU A 137 9.63 -9.38 7.76
C LEU A 137 9.63 -10.60 6.83
N VAL A 138 10.74 -10.83 6.17
CA VAL A 138 10.78 -11.79 5.07
C VAL A 138 11.95 -12.75 5.31
N CYS A 139 11.61 -14.04 5.47
CA CYS A 139 12.58 -15.07 5.73
C CYS A 139 12.57 -16.10 4.61
N LEU A 140 13.70 -16.17 3.94
CA LEU A 140 13.88 -16.91 2.72
C LEU A 140 14.83 -18.09 2.98
N ILE A 141 14.35 -19.28 2.64
CA ILE A 141 14.99 -20.52 3.04
C ILE A 141 15.28 -21.34 1.77
N SER A 142 16.55 -21.63 1.51
CA SER A 142 16.87 -22.32 0.25
C SER A 142 17.96 -23.36 0.41
N ASP A 143 18.01 -24.25 -0.57
CA ASP A 143 19.15 -25.15 -0.71
C ASP A 143 19.22 -26.18 0.40
N PHE A 144 18.07 -26.60 0.92
CA PHE A 144 18.10 -27.65 1.92
C PHE A 144 17.70 -28.96 1.27
N TYR A 145 18.19 -30.06 1.83
CA TYR A 145 17.83 -31.40 1.39
C TYR A 145 18.03 -32.34 2.60
N PRO A 146 17.04 -33.18 2.93
CA PRO A 146 15.73 -33.43 2.30
C PRO A 146 14.77 -32.23 2.43
N GLY A 147 13.68 -32.25 1.68
CA GLY A 147 12.78 -31.10 1.53
C GLY A 147 11.76 -30.85 2.62
N ALA A 148 12.19 -30.82 3.88
CA ALA A 148 11.27 -30.43 4.94
C ALA A 148 11.99 -29.59 5.99
N VAL A 149 11.31 -28.52 6.45
CA VAL A 149 11.80 -27.69 7.56
C VAL A 149 10.61 -27.31 8.39
N THR A 150 10.88 -26.81 9.59
CA THR A 150 9.89 -26.11 10.38
C THR A 150 10.46 -24.74 10.76
N VAL A 151 9.58 -23.75 10.78
CA VAL A 151 10.01 -22.37 10.94
C VAL A 151 9.34 -21.83 12.19
N ALA A 152 10.14 -21.20 13.06
CA ALA A 152 9.60 -20.50 14.24
C ALA A 152 10.07 -19.06 14.26
N TRP A 153 9.19 -18.16 14.68
CA TRP A 153 9.51 -16.73 14.73
C TRP A 153 9.55 -16.30 16.18
N LYS A 154 10.47 -15.39 16.48
CA LYS A 154 10.56 -14.82 17.83
C LYS A 154 10.62 -13.31 17.70
N ALA A 155 10.00 -12.61 18.67
CA ALA A 155 10.16 -11.18 18.84
C ALA A 155 10.59 -10.95 20.28
N ASP A 156 11.65 -10.16 20.50
CA ASP A 156 12.32 -10.12 21.81
C ASP A 156 12.50 -11.49 22.44
N SER A 157 12.99 -12.44 21.63
CA SER A 157 13.17 -13.84 22.05
C SER A 157 11.89 -14.59 22.54
N SER A 158 10.69 -14.07 22.30
CA SER A 158 9.51 -14.89 22.65
C SER A 158 8.68 -15.28 21.44
N PRO A 159 8.06 -16.50 21.49
CA PRO A 159 7.41 -17.05 20.28
C PRO A 159 6.30 -16.15 19.71
N VAL A 160 6.22 -16.11 18.39
CA VAL A 160 5.21 -15.36 17.68
C VAL A 160 4.56 -16.32 16.69
N LYS A 161 3.26 -16.52 16.87
CA LYS A 161 2.49 -17.33 15.94
C LYS A 161 1.68 -16.40 15.02
N ALA A 162 1.02 -15.40 15.59
CA ALA A 162 0.23 -14.40 14.87
C ALA A 162 0.92 -13.69 13.70
N GLY A 163 0.26 -13.64 12.54
CA GLY A 163 0.74 -12.84 11.42
C GLY A 163 1.80 -13.60 10.62
N VAL A 164 1.94 -14.90 10.90
CA VAL A 164 2.93 -15.73 10.21
C VAL A 164 2.26 -16.49 9.07
N GLU A 165 2.92 -16.52 7.92
CA GLU A 165 2.45 -17.34 6.79
C GLU A 165 3.71 -17.91 6.14
N THR A 166 3.79 -19.24 6.16
CA THR A 166 4.88 -19.99 5.55
C THR A 166 4.43 -20.81 4.35
N THR A 167 5.24 -20.84 3.29
CA THR A 167 4.91 -21.70 2.15
C THR A 167 5.26 -23.15 2.45
N THR A 168 4.71 -24.05 1.67
CA THR A 168 5.17 -25.44 1.66
C THR A 168 6.56 -25.43 1.05
N PRO A 169 7.35 -26.49 1.30
CA PRO A 169 8.66 -26.52 0.62
C PRO A 169 8.47 -26.87 -0.84
N SER A 170 9.38 -26.32 -1.65
CA SER A 170 9.30 -26.45 -3.10
C SER A 170 10.62 -26.97 -3.68
N LYS A 171 10.55 -27.81 -4.71
CA LYS A 171 11.78 -28.29 -5.37
C LYS A 171 12.44 -27.18 -6.22
N GLN A 172 13.70 -26.91 -5.94
CA GLN A 172 14.47 -25.94 -6.72
C GLN A 172 14.85 -26.59 -8.01
N SER A 173 15.32 -25.83 -8.99
CA SER A 173 15.78 -26.45 -10.24
C SER A 173 16.99 -27.39 -10.06
N ASN A 174 17.62 -27.40 -8.88
CA ASN A 174 18.80 -28.27 -8.68
C ASN A 174 18.57 -29.51 -7.81
N ASN A 175 17.30 -29.86 -7.61
CA ASN A 175 16.91 -30.95 -6.72
C ASN A 175 16.99 -30.68 -5.22
N LYS A 176 17.48 -29.51 -4.79
CA LYS A 176 17.27 -29.11 -3.36
C LYS A 176 15.96 -28.35 -3.19
N TYR A 177 15.68 -27.86 -1.98
CA TYR A 177 14.37 -27.26 -1.72
C TYR A 177 14.45 -25.82 -1.19
N ALA A 178 13.35 -25.09 -1.40
CA ALA A 178 13.23 -23.69 -0.97
C ALA A 178 11.89 -23.46 -0.28
N ALA A 179 11.84 -22.52 0.65
CA ALA A 179 10.62 -22.18 1.37
C ALA A 179 10.79 -20.70 1.75
N SER A 180 9.69 -20.09 2.21
CA SER A 180 9.57 -18.65 2.48
C SER A 180 8.66 -18.50 3.67
N SER A 181 8.98 -17.59 4.59
CA SER A 181 8.06 -17.29 5.71
C SER A 181 8.01 -15.78 5.91
N TYR A 182 6.78 -15.31 6.10
CA TYR A 182 6.45 -13.90 6.11
C TYR A 182 5.85 -13.62 7.47
N LEU A 183 6.42 -12.66 8.19
CA LEU A 183 5.78 -12.17 9.43
C LEU A 183 5.24 -10.74 9.19
N SER A 184 3.91 -10.55 9.25
CA SER A 184 3.27 -9.25 8.98
C SER A 184 2.90 -8.60 10.33
N LEU A 185 3.26 -7.33 10.49
CA LEU A 185 3.04 -6.55 11.73
C LEU A 185 2.70 -5.17 11.28
N THR A 186 2.22 -4.36 12.23
CA THR A 186 2.07 -2.94 11.98
C THR A 186 3.41 -2.26 12.17
N PRO A 187 3.60 -1.07 11.54
CA PRO A 187 4.82 -0.28 11.76
C PRO A 187 5.07 -0.06 13.25
N GLU A 188 4.04 0.33 14.01
CA GLU A 188 4.20 0.56 15.45
C GLU A 188 4.59 -0.68 16.24
N GLN A 189 4.08 -1.85 15.84
CA GLN A 189 4.52 -3.12 16.43
C GLN A 189 5.99 -3.38 16.10
N TRP A 190 6.34 -3.23 14.82
CA TRP A 190 7.71 -3.33 14.40
C TRP A 190 8.67 -2.58 15.29
N LYS A 191 8.39 -1.31 15.52
CA LYS A 191 9.30 -0.45 16.23
C LYS A 191 9.31 -0.76 17.72
N SER A 192 8.35 -1.57 18.18
CA SER A 192 8.18 -1.86 19.64
C SER A 192 9.12 -2.91 20.23
N HIS A 193 9.69 -3.79 19.40
CA HIS A 193 10.60 -4.84 19.90
C HIS A 193 12.08 -4.60 19.61
N ARG A 194 12.96 -5.19 20.43
CA ARG A 194 14.37 -5.00 20.29
C ARG A 194 14.99 -5.85 19.17
N SER A 195 14.51 -7.08 19.01
CA SER A 195 14.95 -7.98 17.95
C SER A 195 13.82 -8.88 17.48
N TYR A 196 14.00 -9.50 16.31
CA TYR A 196 13.09 -10.47 15.70
C TYR A 196 13.96 -11.59 15.13
N SER A 197 13.54 -12.86 15.27
CA SER A 197 14.30 -13.99 14.70
C SER A 197 13.43 -14.95 13.91
N CYS A 198 14.00 -15.45 12.81
CA CYS A 198 13.45 -16.53 11.99
C CYS A 198 14.38 -17.70 12.24
N GLN A 199 13.83 -18.77 12.79
CA GLN A 199 14.57 -19.96 13.18
C GLN A 199 14.09 -21.15 12.35
N VAL A 200 14.94 -21.64 11.46
CA VAL A 200 14.59 -22.78 10.63
C VAL A 200 15.26 -24.04 11.15
N THR A 201 14.42 -25.01 11.54
CA THR A 201 14.90 -26.33 11.97
C THR A 201 14.87 -27.35 10.83
N HIS A 202 16.05 -27.91 10.55
CA HIS A 202 16.24 -28.94 9.52
C HIS A 202 17.02 -30.12 10.10
N GLU A 203 16.40 -31.31 10.05
CA GLU A 203 17.04 -32.54 10.54
C GLU A 203 17.67 -32.38 11.92
N GLY A 204 16.92 -31.79 12.85
CA GLY A 204 17.37 -31.67 14.23
C GLY A 204 18.30 -30.49 14.47
N SER A 205 18.65 -29.78 13.42
CA SER A 205 19.53 -28.62 13.56
C SER A 205 18.87 -27.35 13.07
N THR A 206 19.09 -26.29 13.85
CA THR A 206 18.45 -25.01 13.65
C THR A 206 19.44 -23.96 13.18
N VAL A 207 19.02 -23.25 12.14
CA VAL A 207 19.71 -22.11 11.54
C VAL A 207 18.79 -20.92 11.77
N GLU A 208 19.33 -19.87 12.39
CA GLU A 208 18.57 -18.68 12.77
C GLU A 208 19.21 -17.39 12.24
N LYS A 209 18.39 -16.44 11.79
CA LYS A 209 18.84 -15.06 11.55
C LYS A 209 17.96 -14.10 12.36
N THR A 210 18.53 -12.96 12.69
CA THR A 210 17.90 -11.94 13.52
C THR A 210 18.02 -10.56 12.84
N VAL A 211 17.04 -9.69 13.09
CA VAL A 211 17.13 -8.26 12.74
C VAL A 211 16.71 -7.45 13.95
N ALA A 212 17.18 -6.20 14.00
CA ALA A 212 16.82 -5.26 15.05
C ALA A 212 16.45 -3.92 14.38
N PRO A 213 15.28 -3.37 14.73
CA PRO A 213 14.74 -2.12 14.16
C PRO A 213 15.66 -0.94 14.31
N THR A 214 16.57 -1.04 15.27
CA THR A 214 17.46 0.03 15.65
C THR A 214 18.59 0.29 14.63
N GLU A 215 18.87 -0.68 13.77
CA GLU A 215 19.83 -0.42 12.70
C GLU A 215 19.17 0.37 11.56
N CYS A 216 17.83 0.37 11.54
CA CYS A 216 17.01 0.83 10.41
C CYS A 216 15.55 1.14 10.81
N GLU B 1 -10.06 -48.16 -19.22
CA GLU B 1 -10.08 -46.70 -19.06
C GLU B 1 -11.21 -46.43 -18.07
N VAL B 2 -11.02 -46.85 -16.82
CA VAL B 2 -11.82 -46.40 -15.67
C VAL B 2 -11.36 -44.97 -15.29
N GLN B 3 -12.30 -44.04 -15.12
CA GLN B 3 -11.91 -42.66 -14.78
C GLN B 3 -13.05 -41.86 -14.17
N LEU B 4 -12.70 -40.85 -13.38
CA LEU B 4 -13.65 -39.86 -12.87
C LEU B 4 -13.13 -38.48 -13.25
N VAL B 5 -13.97 -37.62 -13.80
CA VAL B 5 -13.50 -36.27 -14.23
C VAL B 5 -14.41 -35.21 -13.61
N GLU B 6 -13.87 -34.41 -12.68
CA GLU B 6 -14.62 -33.26 -12.13
C GLU B 6 -14.45 -31.92 -12.88
N SER B 7 -15.51 -31.11 -12.83
CA SER B 7 -15.49 -29.76 -13.42
C SER B 7 -16.45 -28.85 -12.67
N GLY B 8 -16.34 -27.56 -12.95
CA GLY B 8 -17.25 -26.57 -12.34
C GLY B 8 -16.57 -25.65 -11.35
N GLY B 9 -15.30 -25.93 -11.02
CA GLY B 9 -14.58 -25.15 -10.01
C GLY B 9 -14.33 -23.75 -10.49
N GLY B 10 -14.22 -22.80 -9.58
CA GLY B 10 -13.80 -21.44 -9.95
C GLY B 10 -13.76 -20.49 -8.78
N LEU B 11 -13.59 -19.20 -9.07
CA LEU B 11 -13.66 -18.16 -8.04
C LEU B 11 -15.09 -17.75 -7.70
N VAL B 12 -15.39 -17.76 -6.40
CA VAL B 12 -16.71 -17.44 -5.87
C VAL B 12 -16.61 -16.52 -4.63
N LYS B 13 -17.42 -15.47 -4.58
CA LYS B 13 -17.54 -14.60 -3.40
C LYS B 13 -18.06 -15.35 -2.20
N PRO B 14 -17.56 -15.04 -0.99
CA PRO B 14 -18.15 -15.64 0.22
C PRO B 14 -19.66 -15.38 0.23
N GLY B 15 -20.42 -16.39 0.63
CA GLY B 15 -21.87 -16.27 0.65
C GLY B 15 -22.42 -16.74 -0.67
N GLY B 16 -21.55 -17.00 -1.65
CA GLY B 16 -21.99 -17.53 -2.96
C GLY B 16 -22.35 -19.02 -3.01
N SER B 17 -22.82 -19.43 -4.18
CA SER B 17 -23.15 -20.84 -4.52
C SER B 17 -22.28 -21.33 -5.69
N LEU B 18 -22.11 -22.65 -5.81
CA LEU B 18 -21.41 -23.23 -6.96
C LEU B 18 -21.81 -24.71 -7.06
N ARG B 19 -21.89 -25.21 -8.29
CA ARG B 19 -22.24 -26.58 -8.51
C ARG B 19 -21.07 -27.28 -9.19
N LEU B 20 -20.58 -28.36 -8.60
CA LEU B 20 -19.56 -29.15 -9.25
C LEU B 20 -20.21 -30.36 -9.83
N THR B 21 -19.64 -30.84 -10.94
CA THR B 21 -20.10 -32.11 -11.48
C THR B 21 -18.88 -33.03 -11.64
N CYS B 22 -19.13 -34.34 -11.48
CA CYS B 22 -18.16 -35.38 -11.72
C CYS B 22 -18.75 -36.41 -12.71
N VAL B 23 -18.04 -36.68 -13.81
CA VAL B 23 -18.48 -37.65 -14.83
C VAL B 23 -17.64 -38.91 -14.75
N ALA B 24 -18.30 -40.05 -14.63
CA ALA B 24 -17.65 -41.34 -14.52
C ALA B 24 -17.64 -42.05 -15.85
N SER B 25 -16.59 -42.84 -16.11
CA SER B 25 -16.59 -43.70 -17.28
C SER B 25 -15.73 -44.93 -17.10
N GLY B 26 -16.08 -46.00 -17.80
CA GLY B 26 -15.29 -47.21 -17.80
C GLY B 26 -15.69 -48.23 -16.75
N PHE B 27 -16.72 -47.90 -15.97
CA PHE B 27 -17.26 -48.81 -14.97
C PHE B 27 -18.76 -48.60 -14.73
N THR B 28 -19.44 -49.63 -14.21
CA THR B 28 -20.86 -49.55 -13.90
C THR B 28 -21.07 -48.61 -12.73
N PHE B 29 -21.38 -47.36 -13.06
CA PHE B 29 -21.41 -46.25 -12.12
C PHE B 29 -22.52 -46.44 -11.08
N SER B 30 -23.68 -46.95 -11.53
CA SER B 30 -24.83 -47.16 -10.62
C SER B 30 -24.59 -48.17 -9.47
N ASP B 31 -23.58 -49.01 -9.64
CA ASP B 31 -23.25 -50.05 -8.67
C ASP B 31 -22.46 -49.52 -7.46
N VAL B 32 -21.97 -48.30 -7.51
CA VAL B 32 -21.00 -47.90 -6.51
C VAL B 32 -21.44 -46.71 -5.67
N TRP B 33 -20.85 -46.62 -4.48
CA TRP B 33 -21.03 -45.46 -3.65
C TRP B 33 -19.95 -44.51 -4.05
N LEU B 34 -20.25 -43.20 -3.93
CA LEU B 34 -19.34 -42.15 -4.33
C LEU B 34 -19.18 -41.12 -3.20
N ASN B 35 -17.99 -40.53 -3.13
CA ASN B 35 -17.61 -39.51 -2.14
C ASN B 35 -17.15 -38.24 -2.83
N TRP B 36 -17.39 -37.11 -2.17
CA TRP B 36 -16.66 -35.88 -2.48
C TRP B 36 -15.67 -35.70 -1.37
N VAL B 37 -14.46 -35.35 -1.76
CA VAL B 37 -13.45 -35.02 -0.76
C VAL B 37 -12.80 -33.70 -1.20
N ARG B 38 -12.04 -33.06 -0.32
CA ARG B 38 -11.43 -31.78 -0.67
C ARG B 38 -10.11 -31.60 0.08
N GLN B 39 -9.22 -30.84 -0.53
CA GLN B 39 -7.94 -30.58 0.11
C GLN B 39 -7.53 -29.12 -0.07
N ALA B 40 -7.42 -28.42 1.04
CA ALA B 40 -6.87 -27.05 1.05
C ALA B 40 -5.35 -27.06 0.80
N PRO B 41 -4.78 -25.97 0.23
CA PRO B 41 -3.33 -25.90 0.06
C PRO B 41 -2.64 -26.03 1.41
N GLY B 42 -1.56 -26.82 1.44
CA GLY B 42 -0.84 -27.13 2.69
C GLY B 42 -1.63 -27.82 3.81
N LYS B 43 -2.79 -28.39 3.48
CA LYS B 43 -3.61 -29.05 4.50
C LYS B 43 -3.85 -30.50 4.14
N GLY B 44 -4.41 -31.28 5.06
CA GLY B 44 -4.73 -32.70 4.77
C GLY B 44 -6.06 -32.89 4.05
N LEU B 45 -6.24 -34.09 3.48
CA LEU B 45 -7.51 -34.42 2.80
C LEU B 45 -8.66 -34.45 3.83
N GLU B 46 -9.86 -34.05 3.41
CA GLU B 46 -11.04 -33.97 4.27
C GLU B 46 -12.24 -34.49 3.49
N TRP B 47 -12.98 -35.38 4.11
CA TRP B 47 -14.15 -35.97 3.47
C TRP B 47 -15.34 -35.03 3.56
N VAL B 48 -16.04 -34.88 2.45
CA VAL B 48 -17.10 -33.88 2.37
C VAL B 48 -18.44 -34.59 2.52
N GLY B 49 -18.68 -35.61 1.70
CA GLY B 49 -19.87 -36.45 1.91
C GLY B 49 -19.86 -37.64 0.95
N ARG B 50 -20.88 -38.48 1.07
CA ARG B 50 -21.08 -39.60 0.21
C ARG B 50 -22.53 -39.67 -0.25
N ILE B 51 -22.75 -40.40 -1.32
CA ILE B 51 -24.09 -40.81 -1.64
C ILE B 51 -24.00 -42.28 -2.00
N LYS B 52 -24.90 -43.09 -1.46
CA LYS B 52 -24.86 -44.52 -1.61
C LYS B 52 -25.44 -44.90 -2.99
N SER B 53 -25.49 -46.19 -3.28
CA SER B 53 -25.98 -46.61 -4.55
C SER B 53 -27.48 -46.73 -4.41
N ARG B 54 -28.22 -46.63 -5.50
CA ARG B 54 -29.68 -46.87 -5.45
C ARG B 54 -30.05 -48.17 -4.70
N THR B 55 -29.35 -49.28 -4.95
CA THR B 55 -29.73 -50.55 -4.26
C THR B 55 -29.56 -50.41 -2.75
N ASP B 56 -28.57 -49.64 -2.31
CA ASP B 56 -28.36 -49.40 -0.89
C ASP B 56 -29.17 -48.19 -0.38
N GLY B 57 -30.23 -47.82 -1.11
CA GLY B 57 -31.15 -46.74 -0.69
C GLY B 57 -30.88 -45.35 -1.24
N GLY B 58 -29.70 -45.10 -1.80
CA GLY B 58 -29.40 -43.80 -2.41
C GLY B 58 -29.27 -42.60 -1.49
N THR B 59 -29.13 -42.83 -0.19
CA THR B 59 -29.13 -41.71 0.78
C THR B 59 -27.77 -41.07 0.86
N THR B 60 -27.70 -39.94 1.54
CA THR B 60 -26.46 -39.13 1.57
C THR B 60 -25.96 -38.99 2.96
N ASP B 61 -24.66 -38.81 3.11
CA ASP B 61 -24.10 -38.48 4.43
C ASP B 61 -23.21 -37.28 4.19
N TYR B 62 -23.17 -36.40 5.19
CA TYR B 62 -22.35 -35.20 5.13
C TYR B 62 -21.40 -34.99 6.31
N ALA B 63 -20.19 -34.44 6.04
CA ALA B 63 -19.35 -33.91 7.11
C ALA B 63 -20.05 -32.80 7.90
N ALA B 64 -19.78 -32.73 9.19
CA ALA B 64 -20.36 -31.74 10.05
C ALA B 64 -19.96 -30.35 9.60
N SER B 65 -18.88 -30.22 8.81
CA SER B 65 -18.43 -28.90 8.44
C SER B 65 -19.23 -28.36 7.21
N VAL B 66 -19.97 -29.23 6.55
CA VAL B 66 -20.73 -28.80 5.37
C VAL B 66 -22.22 -29.13 5.37
N LYS B 67 -22.67 -29.92 6.33
CA LYS B 67 -24.07 -30.34 6.44
C LYS B 67 -24.98 -29.12 6.59
N GLY B 68 -26.08 -29.12 5.81
CA GLY B 68 -27.02 -27.99 5.76
C GLY B 68 -26.70 -26.99 4.63
N ARG B 69 -25.45 -27.01 4.15
CA ARG B 69 -25.02 -26.09 3.12
C ARG B 69 -24.78 -26.77 1.79
N PHE B 70 -24.28 -28.00 1.82
CA PHE B 70 -23.85 -28.73 0.59
C PHE B 70 -24.86 -29.86 0.38
N THR B 71 -25.13 -30.17 -0.88
CA THR B 71 -26.09 -31.22 -1.23
C THR B 71 -25.45 -32.07 -2.33
N ILE B 72 -25.50 -33.40 -2.18
CA ILE B 72 -24.86 -34.32 -3.17
C ILE B 72 -26.00 -35.05 -3.86
N SER B 73 -25.92 -35.24 -5.18
CA SER B 73 -26.94 -35.98 -5.89
C SER B 73 -26.22 -36.70 -7.02
N ARG B 74 -26.82 -37.79 -7.53
CA ARG B 74 -26.20 -38.48 -8.67
C ARG B 74 -27.29 -38.61 -9.74
N ASP B 75 -26.87 -38.66 -11.01
CA ASP B 75 -27.73 -39.07 -12.11
C ASP B 75 -27.17 -40.32 -12.80
N ASP B 76 -27.69 -41.50 -12.43
CA ASP B 76 -27.20 -42.79 -12.90
C ASP B 76 -27.22 -42.88 -14.42
N SER B 77 -28.29 -42.39 -15.04
CA SER B 77 -28.39 -42.35 -16.50
C SER B 77 -27.32 -41.50 -17.24
N LYS B 78 -26.67 -40.59 -16.55
CA LYS B 78 -25.67 -39.74 -17.18
C LYS B 78 -24.31 -39.98 -16.53
N ASN B 79 -24.20 -41.02 -15.70
CA ASN B 79 -22.95 -41.39 -15.05
C ASN B 79 -22.38 -40.17 -14.35
N THR B 80 -23.28 -39.42 -13.70
CA THR B 80 -22.88 -38.14 -13.18
C THR B 80 -23.21 -38.01 -11.74
N LEU B 81 -22.29 -37.38 -11.04
CA LEU B 81 -22.39 -37.10 -9.62
C LEU B 81 -22.35 -35.56 -9.52
N TYR B 82 -23.12 -34.97 -8.60
CA TYR B 82 -23.07 -33.53 -8.42
C TYR B 82 -22.80 -33.11 -7.00
N LEU B 83 -22.26 -31.91 -6.85
CA LEU B 83 -22.14 -31.29 -5.54
C LEU B 83 -22.54 -29.81 -5.69
N GLN B 84 -23.70 -29.51 -5.11
CA GLN B 84 -24.26 -28.21 -4.98
C GLN B 84 -23.84 -27.61 -3.64
N MET B 85 -23.03 -26.56 -3.70
CA MET B 85 -22.44 -25.92 -2.53
C MET B 85 -23.11 -24.57 -2.37
N ASN B 86 -23.87 -24.36 -1.30
CA ASN B 86 -24.44 -23.05 -0.99
C ASN B 86 -23.84 -22.39 0.27
N SER B 87 -23.99 -21.07 0.37
CA SER B 87 -23.43 -20.27 1.46
C SER B 87 -21.91 -20.52 1.64
N LEU B 88 -21.17 -20.48 0.53
CA LEU B 88 -19.77 -20.85 0.57
C LEU B 88 -19.00 -19.95 1.55
N LYS B 89 -18.07 -20.53 2.31
CA LYS B 89 -17.19 -19.76 3.22
C LYS B 89 -15.78 -19.77 2.69
N THR B 90 -14.97 -18.79 3.09
CA THR B 90 -13.58 -18.74 2.63
C THR B 90 -12.89 -20.08 2.93
N GLU B 91 -13.22 -20.67 4.08
CA GLU B 91 -12.65 -21.95 4.49
C GLU B 91 -13.09 -23.17 3.70
N ASP B 92 -14.04 -23.03 2.78
CA ASP B 92 -14.41 -24.12 1.84
C ASP B 92 -13.47 -24.18 0.66
N THR B 93 -12.50 -23.28 0.62
CA THR B 93 -11.60 -23.17 -0.52
C THR B 93 -10.75 -24.42 -0.50
N ALA B 94 -10.65 -25.09 -1.66
CA ALA B 94 -9.92 -26.35 -1.73
C ALA B 94 -9.96 -26.90 -3.13
N VAL B 95 -9.10 -27.89 -3.37
CA VAL B 95 -9.30 -28.76 -4.54
C VAL B 95 -10.31 -29.85 -4.12
N TYR B 96 -11.45 -29.91 -4.82
CA TYR B 96 -12.48 -30.89 -4.56
C TYR B 96 -12.40 -32.02 -5.53
N SER B 97 -12.33 -33.24 -5.01
CA SER B 97 -12.24 -34.43 -5.85
C SER B 97 -13.43 -35.34 -5.62
N CYS B 98 -13.82 -36.08 -6.66
CA CYS B 98 -14.78 -37.19 -6.48
C CYS B 98 -14.04 -38.56 -6.38
N THR B 99 -14.54 -39.46 -5.53
CA THR B 99 -13.96 -40.81 -5.44
C THR B 99 -15.06 -41.86 -5.41
N THR B 100 -14.74 -43.07 -5.85
CA THR B 100 -15.64 -44.23 -5.58
C THR B 100 -15.19 -44.96 -4.32
N ASP B 101 -16.13 -45.67 -3.73
CA ASP B 101 -15.80 -46.69 -2.75
C ASP B 101 -15.59 -47.98 -3.53
N GLY B 102 -14.38 -48.52 -3.48
CA GLY B 102 -14.11 -49.81 -4.06
C GLY B 102 -14.01 -50.81 -2.95
N PHE B 103 -13.71 -52.05 -3.31
CA PHE B 103 -13.50 -53.10 -2.33
C PHE B 103 -12.53 -54.14 -2.84
N ILE B 104 -11.89 -54.79 -1.86
CA ILE B 104 -11.20 -56.06 -2.05
C ILE B 104 -12.00 -57.09 -1.27
N MET B 105 -12.40 -58.15 -1.95
CA MET B 105 -13.15 -59.23 -1.31
C MET B 105 -12.28 -60.44 -1.07
N ILE B 106 -12.32 -60.95 0.15
CA ILE B 106 -11.55 -62.13 0.48
C ILE B 106 -12.54 -63.27 0.69
N ARG B 107 -12.41 -64.31 -0.13
CA ARG B 107 -13.28 -65.48 -0.04
C ARG B 107 -12.79 -66.34 1.10
N GLY B 108 -13.53 -66.27 2.20
CA GLY B 108 -13.24 -67.06 3.37
C GLY B 108 -13.75 -68.47 3.21
N VAL B 109 -13.31 -69.35 4.10
CA VAL B 109 -13.59 -70.77 4.03
C VAL B 109 -15.10 -71.08 4.14
N SER B 110 -15.87 -70.06 4.46
CA SER B 110 -17.30 -70.20 4.72
C SER B 110 -18.09 -69.00 4.20
N GLU B 111 -17.42 -67.86 4.13
CA GLU B 111 -18.06 -66.54 4.14
C GLU B 111 -17.11 -65.48 3.55
N ASP B 112 -17.68 -64.52 2.84
CA ASP B 112 -16.91 -63.53 2.10
C ASP B 112 -16.77 -62.21 2.84
N TYR B 113 -15.55 -61.70 2.90
CA TYR B 113 -15.28 -60.43 3.56
C TYR B 113 -15.06 -59.31 2.53
N TYR B 114 -15.58 -58.12 2.81
CA TYR B 114 -15.46 -57.03 1.88
C TYR B 114 -14.75 -55.88 2.55
N TYR B 115 -13.57 -55.54 2.05
CA TYR B 115 -12.79 -54.42 2.61
C TYR B 115 -12.93 -53.22 1.69
N TYR B 116 -13.54 -52.16 2.18
CA TYR B 116 -13.80 -51.03 1.32
C TYR B 116 -12.73 -49.96 1.45
N TYR B 117 -12.61 -49.14 0.43
CA TYR B 117 -11.57 -48.12 0.34
C TYR B 117 -11.93 -47.18 -0.80
N MET B 118 -11.48 -45.94 -0.69
CA MET B 118 -11.58 -44.99 -1.79
C MET B 118 -10.69 -45.46 -2.94
N ASP B 119 -11.34 -45.78 -4.05
CA ASP B 119 -10.66 -46.57 -5.05
C ASP B 119 -10.23 -45.72 -6.23
N VAL B 120 -11.22 -45.27 -7.02
CA VAL B 120 -11.02 -44.39 -8.18
C VAL B 120 -11.15 -42.97 -7.65
N TRP B 121 -10.13 -42.18 -7.95
CA TRP B 121 -10.03 -40.77 -7.61
C TRP B 121 -9.94 -39.91 -8.89
N GLY B 122 -10.73 -38.84 -8.93
CA GLY B 122 -10.63 -37.87 -10.03
C GLY B 122 -9.45 -36.96 -9.77
N LYS B 123 -9.06 -36.18 -10.76
CA LYS B 123 -7.91 -35.28 -10.60
C LYS B 123 -8.22 -33.99 -9.83
N GLY B 124 -9.50 -33.66 -9.72
CA GLY B 124 -9.92 -32.51 -8.90
C GLY B 124 -10.17 -31.22 -9.66
N THR B 125 -10.99 -30.38 -9.05
CA THR B 125 -11.34 -29.06 -9.58
C THR B 125 -11.23 -28.05 -8.43
N THR B 126 -10.63 -26.90 -8.73
CA THR B 126 -10.28 -25.92 -7.68
C THR B 126 -11.45 -24.99 -7.40
N VAL B 127 -11.85 -24.88 -6.15
CA VAL B 127 -12.85 -23.92 -5.77
C VAL B 127 -12.15 -22.84 -4.90
N THR B 128 -12.25 -21.58 -5.31
CA THR B 128 -11.72 -20.42 -4.52
C THR B 128 -12.84 -19.53 -4.04
N VAL B 129 -13.11 -19.60 -2.74
CA VAL B 129 -14.05 -18.70 -2.09
C VAL B 129 -13.28 -17.50 -1.52
N SER B 130 -13.29 -16.39 -2.24
CA SER B 130 -12.51 -15.27 -1.79
C SER B 130 -13.15 -13.99 -2.33
N SER B 131 -12.96 -12.89 -1.61
CA SER B 131 -13.38 -11.58 -2.10
C SER B 131 -12.31 -10.91 -2.99
N ALA B 132 -11.15 -11.56 -3.15
CA ALA B 132 -10.09 -11.02 -4.00
C ALA B 132 -10.49 -10.97 -5.48
N SER B 133 -9.88 -10.04 -6.21
CA SER B 133 -10.14 -9.86 -7.63
C SER B 133 -8.88 -9.26 -8.21
N THR B 134 -8.80 -9.19 -9.52
CA THR B 134 -7.51 -8.87 -10.16
C THR B 134 -6.88 -7.62 -9.57
N LYS B 135 -5.62 -7.79 -9.13
CA LYS B 135 -4.91 -6.70 -8.48
C LYS B 135 -3.41 -6.82 -8.80
N GLY B 136 -2.77 -5.74 -9.23
CA GLY B 136 -1.33 -5.77 -9.55
C GLY B 136 -0.51 -5.63 -8.28
N PRO B 137 0.75 -6.07 -8.31
CA PRO B 137 1.51 -6.03 -7.05
C PRO B 137 2.04 -4.65 -6.57
N SER B 138 2.15 -4.54 -5.26
CA SER B 138 2.99 -3.53 -4.67
C SER B 138 4.43 -4.06 -4.60
N VAL B 139 5.40 -3.26 -4.96
CA VAL B 139 6.76 -3.80 -4.93
C VAL B 139 7.66 -2.98 -4.03
N PHE B 140 8.37 -3.67 -3.13
CA PHE B 140 9.25 -3.05 -2.18
C PHE B 140 10.68 -3.58 -2.25
N PRO B 141 11.64 -2.73 -1.96
CA PRO B 141 13.02 -3.20 -1.96
C PRO B 141 13.32 -4.05 -0.70
N LEU B 142 14.15 -5.06 -0.88
CA LEU B 142 14.66 -5.87 0.23
C LEU B 142 16.15 -5.58 0.35
N ALA B 143 16.53 -4.98 1.48
CA ALA B 143 17.94 -4.78 1.82
C ALA B 143 18.11 -5.19 3.29
N PRO B 144 19.33 -5.67 3.67
CA PRO B 144 19.64 -6.04 5.07
C PRO B 144 19.38 -4.92 6.07
N CYS B 145 19.00 -5.25 7.31
CA CYS B 145 18.97 -4.19 8.33
C CYS B 145 20.43 -3.79 8.66
N SER B 146 21.28 -4.77 8.97
CA SER B 146 22.68 -4.44 9.21
C SER B 146 23.42 -4.11 7.90
N ARG B 147 24.14 -3.00 7.91
CA ARG B 147 24.99 -2.61 6.79
C ARG B 147 25.76 -3.86 6.36
N SER B 148 25.51 -4.26 5.11
CA SER B 148 25.98 -5.54 4.62
C SER B 148 27.21 -5.23 3.85
N THR B 149 28.31 -4.94 4.57
CA THR B 149 29.57 -4.60 3.93
C THR B 149 30.82 -5.20 4.59
N SER B 150 31.90 -5.22 3.81
CA SER B 150 33.10 -6.05 3.98
C SER B 150 32.76 -7.50 3.65
N GLY B 151 33.81 -8.30 3.41
CA GLY B 151 33.68 -9.76 3.41
C GLY B 151 32.96 -10.43 2.24
N GLY B 152 32.09 -11.39 2.55
CA GLY B 152 31.63 -12.40 1.60
C GLY B 152 30.58 -11.95 0.59
N THR B 153 29.33 -12.38 0.79
CA THR B 153 28.28 -11.96 -0.11
C THR B 153 27.22 -11.13 0.62
N ALA B 154 26.36 -10.51 -0.19
CA ALA B 154 25.25 -9.72 0.29
C ALA B 154 24.03 -10.18 -0.46
N ALA B 155 22.88 -10.12 0.20
CA ALA B 155 21.62 -10.44 -0.45
C ALA B 155 20.79 -9.18 -0.59
N LEU B 156 20.19 -8.98 -1.75
CA LEU B 156 19.30 -7.84 -1.90
C LEU B 156 18.12 -8.36 -2.70
N GLY B 157 17.03 -7.61 -2.75
CA GLY B 157 15.87 -8.11 -3.48
C GLY B 157 14.67 -7.21 -3.56
N CYS B 158 13.58 -7.83 -3.98
CA CYS B 158 12.32 -7.20 -4.25
C CYS B 158 11.23 -8.05 -3.62
N LEU B 159 10.41 -7.40 -2.79
CA LEU B 159 9.21 -8.01 -2.24
C LEU B 159 8.04 -7.64 -3.14
N VAL B 160 7.38 -8.65 -3.73
CA VAL B 160 6.30 -8.40 -4.71
C VAL B 160 5.00 -8.75 -4.02
N LYS B 161 4.30 -7.73 -3.52
CA LYS B 161 3.25 -7.94 -2.51
C LYS B 161 1.85 -7.85 -3.07
N ASP B 162 0.95 -8.74 -2.62
CA ASP B 162 -0.51 -8.51 -2.70
C ASP B 162 -0.99 -8.47 -4.15
N TYR B 163 -0.81 -9.55 -4.89
CA TYR B 163 -1.36 -9.54 -6.23
C TYR B 163 -2.30 -10.72 -6.43
N PHE B 164 -3.15 -10.61 -7.45
CA PHE B 164 -4.13 -11.61 -7.77
C PHE B 164 -4.50 -11.46 -9.25
N PRO B 165 -4.66 -12.60 -9.98
CA PRO B 165 -4.27 -13.96 -9.56
C PRO B 165 -2.77 -14.20 -9.88
N GLU B 166 -2.31 -15.44 -9.82
CA GLU B 166 -0.95 -15.77 -10.29
C GLU B 166 -1.06 -15.84 -11.82
N PRO B 167 0.06 -15.83 -12.54
CA PRO B 167 1.43 -15.67 -12.06
C PRO B 167 2.01 -14.20 -12.15
N VAL B 168 3.12 -13.97 -11.47
CA VAL B 168 3.95 -12.77 -11.64
C VAL B 168 5.26 -13.26 -12.20
N THR B 169 5.91 -12.43 -13.00
CA THR B 169 7.21 -12.73 -13.64
C THR B 169 8.19 -11.71 -13.04
N VAL B 170 9.36 -12.15 -12.57
CA VAL B 170 10.36 -11.19 -12.07
C VAL B 170 11.64 -11.47 -12.86
N SER B 171 12.24 -10.43 -13.42
CA SER B 171 13.59 -10.50 -13.97
C SER B 171 14.42 -9.40 -13.28
N TRP B 172 15.73 -9.41 -13.51
CA TRP B 172 16.66 -8.43 -12.89
C TRP B 172 17.43 -7.73 -13.99
N ASN B 173 17.50 -6.39 -13.95
CA ASN B 173 18.26 -5.69 -15.00
C ASN B 173 17.89 -6.15 -16.44
N SER B 174 16.57 -6.29 -16.68
CA SER B 174 16.01 -6.60 -18.00
C SER B 174 16.45 -7.97 -18.52
N GLY B 175 16.70 -8.91 -17.61
CA GLY B 175 17.21 -10.21 -18.01
C GLY B 175 18.72 -10.29 -18.22
N ALA B 176 19.44 -9.19 -18.11
CA ALA B 176 20.91 -9.26 -18.17
C ALA B 176 21.51 -10.02 -16.98
N LEU B 177 20.82 -9.97 -15.83
CA LEU B 177 21.26 -10.61 -14.59
C LEU B 177 20.47 -11.87 -14.26
N THR B 178 21.23 -12.94 -14.06
CA THR B 178 20.71 -14.27 -13.99
C THR B 178 21.55 -15.01 -12.91
N SER B 179 22.81 -14.62 -12.78
CA SER B 179 23.72 -15.28 -11.85
C SER B 179 23.30 -14.87 -10.45
N GLY B 180 22.96 -15.83 -9.60
CA GLY B 180 22.65 -15.51 -8.20
C GLY B 180 21.24 -15.03 -7.96
N VAL B 181 20.43 -15.09 -9.00
CA VAL B 181 19.01 -14.72 -8.87
C VAL B 181 18.13 -15.88 -8.41
N HIS B 182 17.36 -15.66 -7.34
CA HIS B 182 16.49 -16.68 -6.86
C HIS B 182 15.13 -16.07 -6.57
N THR B 183 14.17 -16.41 -7.43
CA THR B 183 12.77 -16.07 -7.23
C THR B 183 12.03 -17.26 -6.54
N PHE B 184 11.39 -16.97 -5.40
CA PHE B 184 10.70 -17.98 -4.55
C PHE B 184 9.22 -18.14 -4.94
N PRO B 185 8.63 -19.35 -4.80
CA PRO B 185 7.17 -19.46 -4.86
C PRO B 185 6.41 -18.51 -3.88
N ALA B 186 5.24 -18.09 -4.31
CA ALA B 186 4.43 -17.09 -3.70
C ALA B 186 3.76 -17.67 -2.48
N VAL B 187 3.49 -16.83 -1.51
CA VAL B 187 2.69 -17.28 -0.39
C VAL B 187 1.28 -16.71 -0.63
N LEU B 188 0.26 -17.50 -0.31
CA LEU B 188 -1.13 -17.08 -0.35
C LEU B 188 -1.56 -16.61 1.02
N GLN B 189 -1.96 -15.35 1.12
CA GLN B 189 -2.45 -14.79 2.36
C GLN B 189 -3.96 -15.03 2.46
N SER B 190 -4.48 -14.86 3.69
CA SER B 190 -5.89 -15.02 4.00
C SER B 190 -6.84 -14.06 3.32
N SER B 191 -6.32 -12.97 2.80
CA SER B 191 -7.11 -12.06 1.95
C SER B 191 -7.47 -12.65 0.60
N GLY B 192 -6.74 -13.69 0.21
CA GLY B 192 -6.87 -14.22 -1.13
C GLY B 192 -5.76 -13.78 -2.05
N LEU B 193 -4.91 -12.88 -1.56
CA LEU B 193 -3.81 -12.28 -2.38
C LEU B 193 -2.46 -12.98 -2.23
N TYR B 194 -1.66 -13.00 -3.28
CA TYR B 194 -0.34 -13.65 -3.23
C TYR B 194 0.74 -12.63 -2.93
N SER B 195 1.83 -13.09 -2.33
CA SER B 195 3.03 -12.30 -2.29
C SER B 195 4.20 -13.21 -2.57
N LEU B 196 5.20 -12.73 -3.27
CA LEU B 196 6.45 -13.49 -3.43
C LEU B 196 7.66 -12.58 -3.23
N SER B 197 8.82 -13.18 -2.98
CA SER B 197 10.11 -12.46 -3.01
C SER B 197 11.10 -12.98 -4.10
N SER B 198 11.93 -12.08 -4.64
CA SER B 198 13.03 -12.48 -5.55
C SER B 198 14.29 -11.90 -4.96
N VAL B 199 15.31 -12.72 -4.76
CA VAL B 199 16.54 -12.21 -4.20
C VAL B 199 17.69 -12.44 -5.13
N VAL B 200 18.70 -11.58 -5.00
CA VAL B 200 19.93 -11.67 -5.76
C VAL B 200 21.10 -11.68 -4.77
N THR B 201 22.02 -12.60 -4.94
CA THR B 201 23.27 -12.63 -4.15
C THR B 201 24.42 -12.05 -4.96
N VAL B 202 25.22 -11.18 -4.34
CA VAL B 202 26.33 -10.52 -5.02
C VAL B 202 27.54 -10.49 -4.09
N PRO B 203 28.76 -10.32 -4.62
CA PRO B 203 29.89 -10.15 -3.67
C PRO B 203 29.73 -8.85 -2.86
N SER B 204 29.95 -8.90 -1.54
CA SER B 204 29.76 -7.70 -0.69
C SER B 204 30.70 -6.60 -1.12
N SER B 205 31.95 -6.97 -1.35
CA SER B 205 32.98 -6.02 -1.78
C SER B 205 32.54 -5.25 -3.03
N SER B 206 31.66 -5.84 -3.83
CA SER B 206 31.33 -5.30 -5.12
C SER B 206 30.23 -4.24 -5.08
N LEU B 207 29.72 -3.93 -3.89
CA LEU B 207 28.41 -3.29 -3.80
C LEU B 207 28.05 -1.97 -4.54
N GLY B 208 28.93 -1.00 -4.61
CA GLY B 208 28.53 0.15 -5.44
C GLY B 208 28.97 0.15 -6.90
N THR B 209 29.55 -0.95 -7.40
CA THR B 209 30.03 -1.03 -8.79
C THR B 209 28.90 -0.85 -9.88
N GLN B 210 27.68 -1.27 -9.60
CA GLN B 210 26.58 -1.25 -10.59
C GLN B 210 25.21 -1.09 -9.95
N THR B 211 24.14 -1.11 -10.78
CA THR B 211 22.77 -1.06 -10.24
C THR B 211 22.02 -2.39 -10.38
N TYR B 212 20.99 -2.52 -9.54
CA TYR B 212 20.10 -3.68 -9.51
C TYR B 212 18.68 -3.13 -9.57
N THR B 213 17.90 -3.58 -10.55
CA THR B 213 16.55 -3.13 -10.77
C THR B 213 15.74 -4.39 -11.04
N CYS B 214 14.69 -4.65 -10.27
CA CYS B 214 13.83 -5.81 -10.57
C CYS B 214 12.69 -5.39 -11.48
N ASN B 215 12.38 -6.20 -12.50
CA ASN B 215 11.39 -5.87 -13.49
C ASN B 215 10.25 -6.84 -13.23
N VAL B 216 9.18 -6.34 -12.64
CA VAL B 216 8.10 -7.20 -12.19
C VAL B 216 7.00 -7.08 -13.22
N ASN B 217 6.51 -8.20 -13.74
CA ASN B 217 5.43 -8.17 -14.74
C ASN B 217 4.21 -8.94 -14.27
N HIS B 218 3.07 -8.26 -14.14
CA HIS B 218 1.83 -8.95 -13.75
C HIS B 218 0.79 -8.94 -14.89
N LYS B 219 0.85 -9.96 -15.74
CA LYS B 219 0.01 -10.03 -16.94
C LYS B 219 -1.47 -9.96 -16.62
N PRO B 220 -1.96 -10.71 -15.61
CA PRO B 220 -3.41 -10.59 -15.37
C PRO B 220 -3.96 -9.18 -15.13
N SER B 221 -3.14 -8.28 -14.56
CA SER B 221 -3.64 -6.93 -14.31
C SER B 221 -2.99 -5.95 -15.26
N ASN B 222 -2.25 -6.47 -16.23
CA ASN B 222 -1.48 -5.64 -17.16
C ASN B 222 -0.69 -4.55 -16.45
N THR B 223 0.07 -4.97 -15.43
CA THR B 223 0.90 -4.09 -14.61
C THR B 223 2.35 -4.49 -14.85
N LYS B 224 3.22 -3.51 -15.08
CA LYS B 224 4.65 -3.72 -14.98
C LYS B 224 5.25 -2.68 -14.02
N VAL B 225 6.28 -3.09 -13.27
CA VAL B 225 6.98 -2.25 -12.29
C VAL B 225 8.47 -2.51 -12.40
N ASP B 226 9.25 -1.45 -12.57
CA ASP B 226 10.71 -1.52 -12.46
C ASP B 226 11.12 -0.77 -11.21
N LYS B 227 11.92 -1.40 -10.37
CA LYS B 227 12.32 -0.85 -9.11
C LYS B 227 13.80 -1.09 -8.86
N ARG B 228 14.58 -0.03 -8.74
CA ARG B 228 15.98 -0.12 -8.37
C ARG B 228 16.10 -0.42 -6.89
N VAL B 229 16.98 -1.34 -6.54
CA VAL B 229 17.26 -1.61 -5.14
C VAL B 229 18.61 -1.02 -4.80
N GLU B 230 18.64 -0.06 -3.88
CA GLU B 230 19.90 0.56 -3.46
C GLU B 230 20.29 -0.01 -2.10
N LEU B 231 21.54 -0.46 -1.95
CA LEU B 231 22.11 -0.83 -0.65
C LEU B 231 23.24 0.14 -0.33
N LYS C 1 -23.30 -65.82 3.02
CA LYS C 1 -22.86 -64.87 4.09
C LYS C 1 -21.81 -63.86 3.60
N SER C 2 -22.00 -62.59 3.97
CA SER C 2 -21.10 -61.52 3.52
C SER C 2 -20.85 -60.53 4.64
N ILE C 3 -19.58 -60.29 4.95
CA ILE C 3 -19.19 -59.31 5.97
C ILE C 3 -18.68 -58.05 5.25
N HIS C 4 -19.06 -56.88 5.75
CA HIS C 4 -18.80 -55.61 5.08
C HIS C 4 -18.06 -54.65 5.98
N LEU C 5 -16.83 -54.34 5.60
CA LEU C 5 -15.99 -53.49 6.42
C LEU C 5 -15.71 -52.16 5.71
N GLY C 6 -16.54 -51.16 6.02
CA GLY C 6 -16.36 -49.80 5.48
C GLY C 6 -17.29 -48.87 6.23
N PRO C 7 -17.16 -47.53 6.05
CA PRO C 7 -18.11 -46.64 6.70
C PRO C 7 -19.52 -46.71 6.08
N GLY C 8 -20.55 -46.71 6.94
CA GLY C 8 -21.93 -46.78 6.49
C GLY C 8 -22.37 -48.17 6.06
N ARG C 9 -21.49 -49.16 6.17
CA ARG C 9 -21.83 -50.52 5.67
C ARG C 9 -22.46 -51.46 6.67
N ALA C 10 -23.54 -52.12 6.24
CA ALA C 10 -24.18 -53.13 7.06
C ALA C 10 -23.27 -54.34 7.20
N PHE C 11 -22.43 -54.29 8.24
CA PHE C 11 -21.56 -55.41 8.60
C PHE C 11 -22.05 -56.75 8.04
N TYR C 12 -23.26 -57.16 8.44
CA TYR C 12 -23.86 -58.41 7.99
C TYR C 12 -24.62 -58.29 6.67
N ALA C 13 -24.77 -59.43 5.99
CA ALA C 13 -25.56 -59.53 4.77
C ALA C 13 -26.08 -60.96 4.54
N GLN D 1 -7.19 32.30 9.80
CA GLN D 1 -6.20 32.07 10.88
C GLN D 1 -4.84 32.77 10.64
N SER D 2 -4.81 33.78 9.77
CA SER D 2 -3.70 34.72 9.76
C SER D 2 -4.01 35.88 10.72
N VAL D 3 -2.97 36.43 11.33
CA VAL D 3 -3.14 37.43 12.37
C VAL D 3 -4.03 38.56 11.87
N LEU D 4 -3.95 38.82 10.57
CA LEU D 4 -4.81 39.76 9.90
C LEU D 4 -5.59 39.03 8.82
N THR D 5 -6.87 39.35 8.72
CA THR D 5 -7.81 38.59 7.89
C THR D 5 -8.14 39.35 6.60
N GLN D 6 -7.86 38.71 5.46
CA GLN D 6 -8.10 39.24 4.12
C GLN D 6 -8.96 38.25 3.36
N PRO D 7 -9.74 38.72 2.35
CA PRO D 7 -10.43 37.74 1.50
C PRO D 7 -9.45 36.99 0.58
N PRO D 8 -9.70 35.69 0.34
CA PRO D 8 -8.85 34.97 -0.61
C PRO D 8 -8.69 35.61 -1.99
N SER D 9 -9.77 36.16 -2.54
CA SER D 9 -9.79 36.65 -3.92
C SER D 9 -10.80 37.77 -4.13
N VAL D 10 -10.46 38.64 -5.09
CA VAL D 10 -11.33 39.68 -5.64
C VAL D 10 -11.08 39.68 -7.16
N SER D 11 -12.11 40.01 -7.92
CA SER D 11 -12.00 40.07 -9.37
C SER D 11 -12.73 41.30 -9.86
N ALA D 12 -12.19 41.92 -10.91
CA ALA D 12 -12.90 42.95 -11.67
C ALA D 12 -12.30 43.07 -13.07
N ALA D 13 -12.99 43.79 -13.95
CA ALA D 13 -12.56 44.07 -15.32
C ALA D 13 -11.64 45.30 -15.38
N PRO D 14 -10.92 45.48 -16.51
CA PRO D 14 -10.12 46.70 -16.68
C PRO D 14 -10.97 47.95 -16.49
N GLY D 15 -10.35 49.09 -16.19
CA GLY D 15 -11.07 50.35 -16.01
C GLY D 15 -11.91 50.41 -14.75
N GLN D 16 -12.25 49.24 -14.21
CA GLN D 16 -13.02 49.19 -12.97
C GLN D 16 -12.13 49.56 -11.75
N LYS D 17 -12.81 49.81 -10.63
CA LYS D 17 -12.17 50.03 -9.33
C LYS D 17 -12.56 48.90 -8.38
N VAL D 18 -11.65 48.55 -7.48
CA VAL D 18 -11.86 47.43 -6.56
C VAL D 18 -11.29 47.77 -5.17
N THR D 19 -11.74 47.07 -4.13
CA THR D 19 -11.21 47.28 -2.76
C THR D 19 -10.88 45.99 -2.03
N ILE D 20 -9.80 46.03 -1.26
CA ILE D 20 -9.30 44.88 -0.54
C ILE D 20 -9.14 45.22 0.94
N SER D 21 -9.93 44.54 1.76
CA SER D 21 -10.03 44.82 3.19
C SER D 21 -9.14 43.93 4.04
N CYS D 22 -8.81 44.44 5.22
CA CYS D 22 -7.87 43.77 6.12
C CYS D 22 -8.38 43.97 7.55
N SER D 23 -8.80 42.87 8.18
CA SER D 23 -9.24 42.90 9.57
C SER D 23 -8.11 42.51 10.53
N GLY D 24 -8.02 43.28 11.65
CA GLY D 24 -7.17 42.90 12.77
C GLY D 24 -7.79 43.30 14.11
N SER D 25 -6.94 43.48 15.10
CA SER D 25 -7.39 43.93 16.42
C SER D 25 -6.66 45.24 16.79
N SER D 26 -6.69 45.62 18.08
CA SER D 26 -5.97 46.81 18.56
C SER D 26 -4.52 46.63 18.90
N SER D 27 -4.10 45.37 19.02
CA SER D 27 -2.70 45.03 19.28
C SER D 27 -1.90 45.22 18.02
N ASN D 28 -2.59 45.25 16.86
CA ASN D 28 -1.96 45.33 15.58
C ASN D 28 -2.43 46.57 14.79
N ILE D 29 -3.45 46.39 13.97
CA ILE D 29 -3.92 47.47 13.08
C ILE D 29 -4.35 48.59 13.98
N GLY D 30 -5.20 48.25 14.96
CA GLY D 30 -5.76 49.24 15.89
C GLY D 30 -4.76 50.26 16.37
N ASN D 31 -3.64 49.86 16.87
CA ASN D 31 -2.62 50.75 17.39
C ASN D 31 -1.60 51.34 16.47
N ASN D 32 -1.33 50.63 15.38
CA ASN D 32 -0.17 50.90 14.56
C ASN D 32 -0.51 51.24 13.10
N TYR D 33 0.54 51.47 12.29
CA TYR D 33 0.37 51.92 10.92
C TYR D 33 0.35 50.72 10.00
N VAL D 34 -0.45 50.82 8.94
CA VAL D 34 -0.68 49.68 8.05
C VAL D 34 0.12 49.88 6.78
N LEU D 35 0.88 48.85 6.38
CA LEU D 35 1.56 48.78 5.10
C LEU D 35 0.78 47.90 4.11
N TRP D 36 0.94 48.13 2.82
CA TRP D 36 0.33 47.30 1.78
C TRP D 36 1.37 46.98 0.74
N TYR D 37 1.43 45.69 0.34
CA TYR D 37 2.44 45.20 -0.59
C TYR D 37 1.75 44.55 -1.78
N GLN D 38 2.40 44.62 -2.94
CA GLN D 38 1.96 43.91 -4.12
C GLN D 38 3.02 42.85 -4.36
N GLN D 39 2.63 41.64 -4.73
CA GLN D 39 3.59 40.63 -5.08
C GLN D 39 3.20 39.87 -6.33
N PHE D 40 4.06 39.92 -7.36
CA PHE D 40 3.94 39.02 -8.53
C PHE D 40 4.60 37.63 -8.26
N PRO D 41 4.19 36.58 -9.02
CA PRO D 41 4.85 35.28 -8.93
C PRO D 41 6.39 35.38 -9.04
N GLY D 42 7.10 34.74 -8.12
CA GLY D 42 8.57 34.68 -8.20
C GLY D 42 9.32 36.00 -8.00
N THR D 43 8.64 37.01 -7.50
CA THR D 43 9.24 38.33 -7.33
C THR D 43 9.00 38.72 -5.90
N ALA D 44 9.93 39.49 -5.33
CA ALA D 44 9.81 40.07 -3.98
C ALA D 44 8.61 41.02 -3.83
N PRO D 45 8.02 41.08 -2.62
CA PRO D 45 6.92 42.02 -2.34
C PRO D 45 7.36 43.46 -2.60
N LYS D 46 6.51 44.25 -3.26
CA LYS D 46 6.83 45.66 -3.45
C LYS D 46 5.87 46.46 -2.57
N LEU D 47 6.41 47.47 -1.88
CA LEU D 47 5.62 48.28 -0.98
C LEU D 47 4.76 49.20 -1.85
N LEU D 48 3.50 49.33 -1.46
CA LEU D 48 2.52 50.09 -2.20
C LEU D 48 2.03 51.23 -1.31
N ILE D 49 1.81 50.92 -0.03
CA ILE D 49 1.30 51.91 0.94
C ILE D 49 1.99 51.75 2.27
N TYR D 50 2.30 52.86 2.91
CA TYR D 50 2.84 52.80 4.24
C TYR D 50 2.16 53.91 5.04
N GLY D 51 2.16 53.80 6.36
CA GLY D 51 1.49 54.81 7.21
C GLY D 51 -0.01 54.94 6.97
N ASN D 52 -0.69 53.81 6.80
CA ASN D 52 -2.13 53.75 6.49
C ASN D 52 -2.50 54.18 5.07
N ASN D 53 -1.95 55.30 4.62
CA ASN D 53 -2.50 55.96 3.44
C ASN D 53 -1.51 56.58 2.43
N LYS D 54 -0.20 56.42 2.69
CA LYS D 54 0.88 57.11 1.93
C LYS D 54 1.55 56.26 0.83
N ARG D 55 1.90 56.91 -0.28
CA ARG D 55 2.49 56.26 -1.47
C ARG D 55 3.99 56.55 -1.62
N PRO D 56 4.80 55.49 -1.70
CA PRO D 56 6.18 55.58 -2.16
C PRO D 56 6.25 56.31 -3.53
N SER D 57 7.36 56.99 -3.80
CA SER D 57 7.57 57.51 -5.12
C SER D 57 7.45 56.35 -6.13
N GLY D 58 6.81 56.57 -7.28
CA GLY D 58 6.61 55.51 -8.29
C GLY D 58 5.23 54.84 -8.27
N ILE D 59 4.59 54.82 -7.11
CA ILE D 59 3.26 54.23 -6.98
C ILE D 59 2.24 55.30 -7.32
N PRO D 60 1.36 55.03 -8.32
CA PRO D 60 0.43 56.08 -8.77
C PRO D 60 -0.81 56.20 -7.87
N ASP D 61 -1.48 57.34 -7.92
CA ASP D 61 -2.63 57.58 -7.06
C ASP D 61 -3.86 56.74 -7.40
N ARG D 62 -3.78 55.84 -8.38
CA ARG D 62 -4.80 54.81 -8.60
C ARG D 62 -4.96 53.92 -7.36
N PHE D 63 -3.89 53.82 -6.59
CA PHE D 63 -3.83 53.05 -5.36
C PHE D 63 -4.06 53.99 -4.20
N SER D 64 -4.87 53.57 -3.23
CA SER D 64 -5.14 54.36 -2.02
C SER D 64 -5.19 53.49 -0.78
N GLY D 65 -4.69 54.01 0.33
CA GLY D 65 -4.78 53.33 1.63
C GLY D 65 -5.75 54.03 2.57
N SER D 66 -6.25 53.30 3.57
CA SER D 66 -7.08 53.88 4.63
C SER D 66 -7.11 52.99 5.88
N LYS D 67 -7.66 53.51 7.00
CA LYS D 67 -7.79 52.74 8.24
C LYS D 67 -8.96 53.23 9.07
N SER D 68 -9.90 52.31 9.33
CA SER D 68 -11.02 52.58 10.23
C SER D 68 -10.94 51.69 11.46
N GLY D 69 -10.47 52.26 12.57
CA GLY D 69 -10.39 51.54 13.85
C GLY D 69 -9.35 50.45 13.79
N THR D 70 -9.84 49.19 13.77
CA THR D 70 -8.98 48.01 13.77
C THR D 70 -8.99 47.28 12.42
N SER D 71 -9.27 48.03 11.36
CA SER D 71 -9.55 47.47 10.03
C SER D 71 -9.14 48.45 8.91
N ALA D 72 -8.19 48.03 8.09
CA ALA D 72 -7.66 48.85 7.00
C ALA D 72 -8.27 48.48 5.65
N THR D 73 -8.10 49.35 4.65
CA THR D 73 -8.54 49.08 3.28
C THR D 73 -7.52 49.56 2.23
N LEU D 74 -7.44 48.84 1.12
CA LEU D 74 -6.68 49.20 -0.07
C LEU D 74 -7.65 49.31 -1.24
N GLY D 75 -7.61 50.46 -1.93
CA GLY D 75 -8.42 50.67 -3.12
C GLY D 75 -7.53 50.74 -4.33
N ILE D 76 -7.96 50.15 -5.42
CA ILE D 76 -7.28 50.30 -6.70
C ILE D 76 -8.30 50.69 -7.75
N THR D 77 -8.10 51.88 -8.31
CA THR D 77 -8.98 52.40 -9.35
C THR D 77 -8.36 52.24 -10.75
N GLY D 78 -9.17 52.45 -11.78
CA GLY D 78 -8.77 52.29 -13.17
C GLY D 78 -7.82 51.12 -13.32
N LEU D 79 -8.33 49.92 -12.99
CA LEU D 79 -7.56 48.68 -13.03
C LEU D 79 -6.96 48.37 -14.40
N GLN D 80 -5.71 47.90 -14.37
CA GLN D 80 -5.05 47.41 -15.56
C GLN D 80 -4.76 45.92 -15.39
N THR D 81 -4.55 45.24 -16.52
CA THR D 81 -4.11 43.84 -16.58
C THR D 81 -2.84 43.62 -15.78
N GLY D 82 -1.93 44.60 -15.80
CA GLY D 82 -0.72 44.59 -14.98
C GLY D 82 -0.92 44.59 -13.47
N ASP D 83 -2.12 44.90 -12.99
CA ASP D 83 -2.45 44.85 -11.55
C ASP D 83 -2.75 43.43 -11.03
N GLU D 84 -3.03 42.48 -11.91
CA GLU D 84 -3.26 41.10 -11.48
C GLU D 84 -2.03 40.54 -10.70
N ALA D 85 -2.22 40.38 -9.38
CA ALA D 85 -1.15 40.04 -8.45
C ALA D 85 -1.77 39.65 -7.11
N ASP D 86 -0.93 39.32 -6.13
CA ASP D 86 -1.38 39.18 -4.75
C ASP D 86 -1.07 40.46 -3.99
N TYR D 87 -1.98 40.82 -3.10
CA TYR D 87 -1.86 42.01 -2.30
C TYR D 87 -2.04 41.58 -0.84
N PHE D 88 -1.06 41.94 0.00
CA PHE D 88 -1.17 41.61 1.43
C PHE D 88 -0.86 42.83 2.30
N CYS D 89 -1.60 42.97 3.42
CA CYS D 89 -1.36 44.03 4.43
C CYS D 89 -0.34 43.58 5.50
N ALA D 90 0.34 44.54 6.11
CA ALA D 90 1.22 44.26 7.26
C ALA D 90 1.11 45.35 8.35
N THR D 91 1.41 44.99 9.60
CA THR D 91 1.70 45.96 10.68
C THR D 91 2.63 45.23 11.65
N TRP D 92 2.79 45.78 12.85
CA TRP D 92 3.49 45.11 13.94
C TRP D 92 2.59 45.00 15.19
N ASP D 93 2.89 44.04 16.07
CA ASP D 93 2.13 43.88 17.29
C ASP D 93 2.70 44.84 18.34
N SER D 94 1.83 45.49 19.08
CA SER D 94 2.25 46.47 20.08
C SER D 94 2.76 45.81 21.37
N GLY D 95 3.06 44.50 21.29
CA GLY D 95 3.55 43.72 22.44
C GLY D 95 5.06 43.61 22.55
N LEU D 96 5.51 43.03 23.68
CA LEU D 96 6.93 42.99 24.09
C LEU D 96 7.97 42.57 23.04
N SER D 97 7.60 41.64 22.17
CA SER D 97 8.50 41.13 21.13
C SER D 97 8.26 41.82 19.81
N ALA D 98 7.20 42.63 19.76
CA ALA D 98 6.78 43.46 18.59
C ALA D 98 6.85 42.75 17.21
N ASP D 99 6.09 41.67 17.07
CA ASP D 99 6.02 40.88 15.82
C ASP D 99 5.52 41.73 14.67
N TRP D 100 6.14 41.66 13.49
CA TRP D 100 5.44 42.14 12.30
C TRP D 100 4.35 41.10 12.10
N VAL D 101 3.20 41.51 11.59
CA VAL D 101 2.10 40.60 11.35
C VAL D 101 1.50 40.89 9.98
N PHE D 102 0.95 39.85 9.35
CA PHE D 102 0.59 39.92 7.93
C PHE D 102 -0.84 39.46 7.66
N GLY D 103 -1.47 40.07 6.65
CA GLY D 103 -2.67 39.48 6.08
C GLY D 103 -2.29 38.18 5.35
N GLY D 104 -3.29 37.33 5.10
CA GLY D 104 -3.08 36.10 4.38
C GLY D 104 -2.85 36.33 2.90
N GLY D 105 -3.22 37.50 2.39
CA GLY D 105 -3.13 37.82 0.96
C GLY D 105 -4.40 37.67 0.16
N THR D 106 -4.58 38.53 -0.83
CA THR D 106 -5.75 38.51 -1.73
C THR D 106 -5.28 38.41 -3.18
N LYS D 107 -5.74 37.42 -3.93
CA LYS D 107 -5.39 37.41 -5.35
C LYS D 107 -6.44 38.20 -6.11
N LEU D 108 -6.01 39.33 -6.65
CA LEU D 108 -6.82 40.13 -7.54
C LEU D 108 -6.64 39.59 -8.95
N THR D 109 -7.70 39.00 -9.48
CA THR D 109 -7.81 38.75 -10.90
C THR D 109 -8.46 39.94 -11.63
N VAL D 110 -7.83 40.39 -12.71
CA VAL D 110 -8.41 41.40 -13.59
C VAL D 110 -8.86 40.69 -14.86
N LEU D 111 -10.17 40.54 -15.00
CA LEU D 111 -10.82 39.60 -15.93
C LEU D 111 -10.47 39.81 -17.42
N SER D 112 -9.67 38.90 -17.98
CA SER D 112 -9.29 38.99 -19.40
C SER D 112 -10.11 38.08 -20.31
N GLN D 113 -10.75 37.07 -19.74
CA GLN D 113 -11.62 36.17 -20.49
C GLN D 113 -12.98 36.05 -19.78
N PRO D 114 -14.02 35.61 -20.51
CA PRO D 114 -15.29 35.38 -19.80
C PRO D 114 -15.20 34.27 -18.73
N LYS D 115 -16.02 34.41 -17.70
CA LYS D 115 -15.96 33.52 -16.55
C LYS D 115 -16.42 32.14 -16.97
N ALA D 116 -15.74 31.11 -16.46
CA ALA D 116 -16.00 29.72 -16.81
C ALA D 116 -16.21 28.89 -15.55
N ALA D 117 -17.28 28.10 -15.55
CA ALA D 117 -17.60 27.21 -14.44
C ALA D 117 -16.69 26.00 -14.46
N PRO D 118 -16.41 25.42 -13.28
CA PRO D 118 -15.59 24.22 -13.20
C PRO D 118 -16.24 22.98 -13.83
N SER D 119 -15.44 22.22 -14.58
CA SER D 119 -15.80 20.85 -14.93
C SER D 119 -15.29 20.00 -13.78
N VAL D 120 -16.13 19.09 -13.29
CA VAL D 120 -15.83 18.29 -12.12
C VAL D 120 -15.98 16.84 -12.57
N THR D 121 -15.00 16.02 -12.22
CA THR D 121 -15.05 14.60 -12.50
C THR D 121 -14.76 13.89 -11.19
N LEU D 122 -15.65 12.98 -10.81
CA LEU D 122 -15.54 12.25 -9.54
C LEU D 122 -15.42 10.73 -9.73
N PHE D 123 -14.28 10.20 -9.26
CA PHE D 123 -13.95 8.80 -9.27
C PHE D 123 -14.04 8.17 -7.88
N PRO D 124 -14.56 6.92 -7.81
CA PRO D 124 -14.63 6.22 -6.55
C PRO D 124 -13.30 5.50 -6.32
N PRO D 125 -13.13 4.86 -5.14
CA PRO D 125 -11.90 4.07 -4.97
C PRO D 125 -11.97 2.85 -5.89
N SER D 126 -10.82 2.47 -6.45
CA SER D 126 -10.75 1.31 -7.29
C SER D 126 -10.84 0.03 -6.45
N SER D 127 -11.26 -1.03 -7.11
CA SER D 127 -11.25 -2.35 -6.55
C SER D 127 -9.85 -2.78 -6.03
N GLU D 128 -8.79 -2.40 -6.76
CA GLU D 128 -7.39 -2.69 -6.38
C GLU D 128 -7.02 -2.04 -5.03
N GLU D 129 -7.36 -0.76 -4.84
CA GLU D 129 -7.02 -0.04 -3.61
C GLU D 129 -7.80 -0.54 -2.37
N LEU D 130 -9.08 -0.85 -2.57
CA LEU D 130 -9.89 -1.50 -1.52
C LEU D 130 -9.18 -2.75 -0.96
N GLN D 131 -8.57 -3.54 -1.84
CA GLN D 131 -7.88 -4.77 -1.43
C GLN D 131 -6.52 -4.53 -0.78
N ALA D 132 -5.98 -3.32 -0.95
CA ALA D 132 -4.85 -2.83 -0.18
C ALA D 132 -5.33 -2.18 1.13
N ASN D 133 -6.63 -2.38 1.44
CA ASN D 133 -7.27 -1.87 2.69
C ASN D 133 -7.18 -0.33 2.85
N LYS D 134 -7.40 0.36 1.74
CA LYS D 134 -7.43 1.81 1.64
C LYS D 134 -8.56 2.26 0.68
N ALA D 135 -8.89 3.54 0.70
CA ALA D 135 -9.93 4.11 -0.19
C ALA D 135 -9.76 5.63 -0.33
N THR D 136 -9.65 6.08 -1.57
CA THR D 136 -9.57 7.50 -1.94
C THR D 136 -10.61 7.78 -3.02
N LEU D 137 -11.43 8.81 -2.80
CA LEU D 137 -12.27 9.37 -3.85
C LEU D 137 -11.54 10.57 -4.42
N VAL D 138 -11.57 10.68 -5.73
CA VAL D 138 -10.79 11.70 -6.40
C VAL D 138 -11.74 12.66 -7.10
N CYS D 139 -11.65 13.92 -6.69
CA CYS D 139 -12.47 14.96 -7.30
C CYS D 139 -11.59 15.89 -8.08
N LEU D 140 -11.74 15.86 -9.38
CA LEU D 140 -10.87 16.57 -10.29
C LEU D 140 -11.59 17.76 -10.93
N ILE D 141 -11.02 18.94 -10.72
CA ILE D 141 -11.72 20.19 -10.99
C ILE D 141 -10.90 20.93 -12.02
N SER D 142 -11.50 21.18 -13.19
CA SER D 142 -10.79 21.79 -14.30
C SER D 142 -11.54 22.94 -14.99
N ASP D 143 -10.76 23.73 -15.73
CA ASP D 143 -11.27 24.73 -16.65
C ASP D 143 -12.12 25.84 -16.02
N PHE D 144 -11.78 26.27 -14.80
CA PHE D 144 -12.49 27.39 -14.23
C PHE D 144 -11.72 28.69 -14.30
N TYR D 145 -12.46 29.77 -14.51
CA TYR D 145 -11.93 31.11 -14.48
C TYR D 145 -13.00 32.06 -13.91
N PRO D 146 -12.62 32.90 -12.92
CA PRO D 146 -11.30 33.16 -12.32
C PRO D 146 -10.84 32.07 -11.36
N GLY D 147 -9.59 32.11 -10.95
CA GLY D 147 -8.94 30.94 -10.39
C GLY D 147 -9.12 30.57 -8.93
N ALA D 148 -10.36 30.54 -8.46
CA ALA D 148 -10.63 30.23 -7.04
C ALA D 148 -11.92 29.43 -6.87
N VAL D 149 -11.85 28.35 -6.08
CA VAL D 149 -13.00 27.47 -5.83
C VAL D 149 -13.11 27.11 -4.36
N THR D 150 -14.31 26.74 -3.94
CA THR D 150 -14.53 26.12 -2.63
C THR D 150 -14.85 24.66 -2.86
N VAL D 151 -14.34 23.76 -1.99
CA VAL D 151 -14.67 22.33 -2.10
C VAL D 151 -15.22 21.76 -0.78
N ALA D 152 -16.44 21.22 -0.83
CA ALA D 152 -17.08 20.63 0.33
C ALA D 152 -17.42 19.15 0.04
N TRP D 153 -17.16 18.26 0.99
CA TRP D 153 -17.50 16.84 0.79
C TRP D 153 -18.72 16.47 1.61
N LYS D 154 -19.53 15.59 1.04
CA LYS D 154 -20.66 15.03 1.77
C LYS D 154 -20.52 13.50 1.74
N ALA D 155 -20.75 12.86 2.94
CA ALA D 155 -20.98 11.41 2.98
C ALA D 155 -22.50 11.33 3.09
N ASP D 156 -23.13 10.61 2.13
CA ASP D 156 -24.58 10.72 1.88
C ASP D 156 -24.92 12.17 1.51
N SER D 157 -25.79 12.80 2.31
CA SER D 157 -26.10 14.22 2.13
C SER D 157 -25.91 14.98 3.45
N SER D 158 -24.65 15.02 3.90
CA SER D 158 -24.25 15.65 5.17
C SER D 158 -22.73 15.86 5.14
N PRO D 159 -22.22 16.85 5.90
CA PRO D 159 -20.81 17.30 5.79
C PRO D 159 -19.74 16.29 6.21
N VAL D 160 -18.54 16.46 5.69
CA VAL D 160 -17.38 15.60 5.92
C VAL D 160 -16.11 16.46 5.99
N LYS D 161 -15.50 16.58 7.17
CA LYS D 161 -14.20 17.26 7.28
C LYS D 161 -12.96 16.33 7.23
N ALA D 162 -12.89 15.39 8.18
CA ALA D 162 -11.76 14.48 8.32
C ALA D 162 -11.42 13.77 7.01
N GLY D 163 -10.13 13.73 6.68
CA GLY D 163 -9.62 12.99 5.51
C GLY D 163 -9.67 13.73 4.20
N VAL D 164 -9.97 15.03 4.24
CA VAL D 164 -9.97 15.82 3.02
C VAL D 164 -8.64 16.56 2.90
N GLU D 165 -8.04 16.45 1.72
CA GLU D 165 -6.91 17.26 1.35
C GLU D 165 -7.21 17.78 -0.04
N THR D 166 -7.10 19.10 -0.19
CA THR D 166 -7.45 19.80 -1.43
C THR D 166 -6.24 20.62 -1.90
N THR D 167 -6.02 20.69 -3.22
CA THR D 167 -4.91 21.49 -3.75
C THR D 167 -5.28 22.95 -3.93
N THR D 168 -4.29 23.83 -3.91
CA THR D 168 -4.52 25.22 -4.32
C THR D 168 -4.87 25.16 -5.79
N PRO D 169 -5.53 26.20 -6.34
CA PRO D 169 -5.80 26.11 -7.78
C PRO D 169 -4.56 26.45 -8.59
N SER D 170 -4.46 25.85 -9.77
CA SER D 170 -3.27 25.97 -10.63
C SER D 170 -3.64 26.38 -12.04
N LYS D 171 -2.81 27.22 -12.65
CA LYS D 171 -3.12 27.76 -13.98
C LYS D 171 -2.78 26.74 -15.02
N GLN D 172 -3.77 26.47 -15.87
CA GLN D 172 -3.64 25.44 -16.90
C GLN D 172 -2.82 26.00 -18.05
N SER D 173 -2.66 25.20 -19.10
CA SER D 173 -2.03 25.66 -20.33
C SER D 173 -2.86 26.77 -20.93
N ASN D 174 -4.17 26.68 -20.73
CA ASN D 174 -5.13 27.53 -21.46
C ASN D 174 -5.58 28.78 -20.72
N ASN D 175 -4.85 29.10 -19.66
CA ASN D 175 -5.16 30.28 -18.84
C ASN D 175 -6.35 30.12 -17.92
N LYS D 176 -7.08 29.01 -18.02
CA LYS D 176 -8.06 28.69 -16.98
C LYS D 176 -7.32 27.93 -15.86
N TYR D 177 -8.05 27.54 -14.83
CA TYR D 177 -7.45 26.97 -13.64
C TYR D 177 -7.96 25.56 -13.34
N ALA D 178 -7.15 24.81 -12.59
CA ALA D 178 -7.52 23.48 -12.13
C ALA D 178 -7.21 23.28 -10.63
N ALA D 179 -7.89 22.34 -9.99
CA ALA D 179 -7.58 21.97 -8.63
C ALA D 179 -8.07 20.54 -8.44
N SER D 180 -7.68 19.91 -7.34
CA SER D 180 -8.14 18.57 -7.05
C SER D 180 -8.36 18.40 -5.56
N SER D 181 -9.32 17.56 -5.19
CA SER D 181 -9.60 17.23 -3.80
C SER D 181 -9.68 15.72 -3.63
N TYR D 182 -9.12 15.26 -2.50
CA TYR D 182 -9.02 13.85 -2.16
C TYR D 182 -9.67 13.62 -0.81
N LEU D 183 -10.55 12.62 -0.77
CA LEU D 183 -11.07 12.08 0.47
C LEU D 183 -10.64 10.62 0.71
N SER D 184 -9.85 10.43 1.78
CA SER D 184 -9.42 9.13 2.30
C SER D 184 -10.50 8.53 3.19
N LEU D 185 -10.82 7.29 2.92
CA LEU D 185 -11.79 6.57 3.72
C LEU D 185 -11.18 5.24 4.08
N THR D 186 -11.70 4.60 5.12
CA THR D 186 -11.49 3.17 5.27
C THR D 186 -12.39 2.47 4.26
N PRO D 187 -11.99 1.27 3.77
CA PRO D 187 -12.94 0.50 3.00
C PRO D 187 -14.30 0.38 3.71
N GLU D 188 -14.28 0.22 5.02
CA GLU D 188 -15.47 0.14 5.83
C GLU D 188 -16.37 1.39 5.72
N GLN D 189 -15.78 2.57 5.79
CA GLN D 189 -16.54 3.81 5.65
C GLN D 189 -17.16 3.94 4.27
N TRP D 190 -16.34 3.74 3.23
CA TRP D 190 -16.81 3.70 1.84
C TRP D 190 -18.07 2.86 1.62
N LYS D 191 -18.07 1.66 2.19
CA LYS D 191 -19.16 0.72 2.07
C LYS D 191 -20.33 0.94 3.06
N SER D 192 -20.20 1.85 4.03
CA SER D 192 -21.30 2.15 4.99
C SER D 192 -22.34 3.12 4.40
N HIS D 193 -21.85 4.30 4.01
CA HIS D 193 -22.69 5.37 3.48
C HIS D 193 -23.14 5.04 2.05
N ARG D 194 -24.35 5.43 1.67
CA ARG D 194 -24.91 5.05 0.38
C ARG D 194 -24.49 5.96 -0.79
N SER D 195 -23.92 7.13 -0.48
CA SER D 195 -23.24 7.97 -1.50
C SER D 195 -22.21 8.97 -0.93
N TYR D 196 -21.37 9.50 -1.82
CA TYR D 196 -20.43 10.57 -1.46
C TYR D 196 -20.50 11.66 -2.52
N SER D 197 -20.28 12.89 -2.10
CA SER D 197 -20.48 14.06 -2.96
C SER D 197 -19.32 15.02 -2.88
N CYS D 198 -18.81 15.34 -4.06
CA CYS D 198 -17.88 16.43 -4.25
C CYS D 198 -18.69 17.58 -4.83
N GLN D 199 -18.66 18.72 -4.15
CA GLN D 199 -19.38 19.89 -4.61
C GLN D 199 -18.49 21.11 -4.56
N VAL D 200 -18.28 21.68 -5.74
CA VAL D 200 -17.26 22.67 -5.92
C VAL D 200 -17.98 23.96 -6.24
N THR D 201 -17.77 24.94 -5.38
CA THR D 201 -18.42 26.23 -5.47
C THR D 201 -17.50 27.22 -6.16
N HIS D 202 -18.02 27.88 -7.20
CA HIS D 202 -17.28 28.82 -8.02
C HIS D 202 -18.09 30.05 -8.34
N GLU D 203 -17.65 31.19 -7.82
CA GLU D 203 -18.37 32.45 -7.98
C GLU D 203 -19.81 32.28 -7.56
N GLY D 204 -19.99 31.64 -6.39
CA GLY D 204 -21.30 31.51 -5.78
C GLY D 204 -22.20 30.44 -6.38
N SER D 205 -21.76 29.89 -7.52
CA SER D 205 -22.44 28.77 -8.19
C SER D 205 -21.74 27.45 -7.89
N THR D 206 -22.53 26.44 -7.53
CA THR D 206 -22.01 25.12 -7.15
C THR D 206 -22.28 24.08 -8.24
N VAL D 207 -21.21 23.39 -8.63
CA VAL D 207 -21.25 22.25 -9.56
C VAL D 207 -21.10 21.04 -8.65
N GLU D 208 -21.86 19.99 -8.93
CA GLU D 208 -21.85 18.82 -8.10
C GLU D 208 -21.71 17.53 -8.90
N LYS D 209 -20.99 16.55 -8.33
CA LYS D 209 -20.98 15.16 -8.80
C LYS D 209 -21.09 14.15 -7.63
N THR D 210 -21.59 12.95 -7.90
CA THR D 210 -21.82 11.93 -6.85
C THR D 210 -21.33 10.52 -7.27
N VAL D 211 -20.83 9.75 -6.31
CA VAL D 211 -20.57 8.31 -6.52
C VAL D 211 -21.27 7.43 -5.48
N ALA D 212 -21.86 6.35 -5.99
CA ALA D 212 -22.62 5.41 -5.18
C ALA D 212 -21.92 4.06 -5.28
N PRO D 213 -21.40 3.57 -4.12
CA PRO D 213 -20.77 2.26 -3.96
C PRO D 213 -21.59 1.14 -4.58
N THR D 214 -22.91 1.24 -4.44
CA THR D 214 -23.87 0.29 -4.99
C THR D 214 -23.69 0.04 -6.50
N GLU D 215 -23.11 1.01 -7.22
CA GLU D 215 -22.68 0.77 -8.60
C GLU D 215 -21.20 0.40 -8.64
N CYS D 216 -20.38 1.37 -8.29
CA CYS D 216 -18.93 1.31 -8.42
C CYS D 216 -18.29 1.09 -7.07
N GLU E 1 22.35 46.62 -7.00
CA GLU E 1 22.57 45.18 -6.71
C GLU E 1 22.43 44.88 -5.22
N VAL E 2 21.37 45.45 -4.64
CA VAL E 2 20.95 45.11 -3.30
C VAL E 2 20.26 43.73 -3.36
N GLN E 3 20.72 42.80 -2.50
CA GLN E 3 20.07 41.49 -2.35
C GLN E 3 20.38 40.71 -1.09
N LEU E 4 19.54 39.72 -0.83
CA LEU E 4 19.74 38.76 0.25
C LEU E 4 19.56 37.37 -0.35
N VAL E 5 20.42 36.44 0.04
CA VAL E 5 20.31 35.09 -0.46
C VAL E 5 20.35 34.16 0.74
N GLU E 6 19.30 33.37 0.93
CA GLU E 6 19.37 32.33 1.94
C GLU E 6 19.80 30.98 1.44
N SER E 7 20.43 30.22 2.33
CA SER E 7 20.82 28.85 2.04
C SER E 7 20.69 28.01 3.28
N GLY E 8 20.75 26.70 3.09
CA GLY E 8 20.83 25.78 4.22
C GLY E 8 19.58 24.97 4.48
N GLY E 9 18.54 25.19 3.67
CA GLY E 9 17.24 24.53 3.86
C GLY E 9 17.32 23.08 3.44
N GLY E 10 16.55 22.22 4.10
CA GLY E 10 16.38 20.86 3.61
C GLY E 10 15.35 20.04 4.36
N LEU E 11 15.46 18.73 4.23
CA LEU E 11 14.65 17.81 4.99
C LEU E 11 15.34 17.49 6.32
N VAL E 12 14.58 17.60 7.41
CA VAL E 12 15.05 17.33 8.75
C VAL E 12 13.96 16.45 9.35
N LYS E 13 14.31 15.47 10.15
CA LYS E 13 13.25 14.71 10.80
C LYS E 13 12.77 15.47 12.04
N PRO E 14 11.50 15.29 12.47
CA PRO E 14 10.98 16.06 13.62
C PRO E 14 11.82 15.79 14.85
N GLY E 15 12.08 16.81 15.64
CA GLY E 15 13.01 16.72 16.76
C GLY E 15 14.42 17.15 16.42
N GLY E 16 14.65 17.40 15.13
CA GLY E 16 15.97 17.74 14.62
C GLY E 16 16.30 19.22 14.66
N SER E 17 17.53 19.54 14.28
CA SER E 17 18.08 20.90 14.19
C SER E 17 18.42 21.30 12.75
N LEU E 18 18.52 22.60 12.49
CA LEU E 18 18.94 23.07 11.17
C LEU E 18 19.41 24.51 11.22
N ARG E 19 20.45 24.80 10.45
CA ARG E 19 21.04 26.13 10.49
C ARG E 19 20.94 26.79 9.13
N LEU E 20 20.20 27.91 9.10
CA LEU E 20 20.06 28.70 7.88
C LEU E 20 20.97 29.93 7.90
N THR E 21 21.56 30.23 6.73
CA THR E 21 22.39 31.39 6.55
C THR E 21 21.71 32.33 5.55
N CYS E 22 22.04 33.60 5.63
CA CYS E 22 21.54 34.61 4.71
C CYS E 22 22.66 35.63 4.50
N VAL E 23 23.15 35.74 3.27
CA VAL E 23 24.25 36.66 2.94
C VAL E 23 23.67 37.90 2.28
N ALA E 24 24.14 39.06 2.73
CA ALA E 24 23.74 40.34 2.17
C ALA E 24 24.83 40.91 1.31
N SER E 25 24.46 41.72 0.32
CA SER E 25 25.41 42.39 -0.56
C SER E 25 24.77 43.62 -1.21
N GLY E 26 25.59 44.61 -1.56
CA GLY E 26 25.14 45.85 -2.19
C GLY E 26 24.53 46.90 -1.27
N PHE E 27 24.57 46.64 0.04
CA PHE E 27 24.25 47.65 1.05
C PHE E 27 25.10 47.42 2.30
N THR E 28 25.17 48.46 3.15
CA THR E 28 25.86 48.42 4.44
C THR E 28 25.06 47.63 5.48
N PHE E 29 25.47 46.39 5.63
CA PHE E 29 24.72 45.36 6.33
C PHE E 29 24.66 45.64 7.82
N SER E 30 25.71 46.28 8.33
CA SER E 30 25.81 46.53 9.76
C SER E 30 24.78 47.56 10.26
N ASP E 31 24.32 48.39 9.33
CA ASP E 31 23.42 49.50 9.59
C ASP E 31 21.94 49.15 9.78
N VAL E 32 21.57 47.92 9.38
CA VAL E 32 20.16 47.54 9.27
C VAL E 32 19.79 46.40 10.22
N TRP E 33 18.53 46.41 10.65
CA TRP E 33 17.90 45.32 11.37
C TRP E 33 17.48 44.33 10.33
N LEU E 34 17.52 43.05 10.70
CA LEU E 34 17.12 41.95 9.83
C LEU E 34 16.05 41.11 10.50
N ASN E 35 15.11 40.61 9.69
CA ASN E 35 14.09 39.65 10.11
C ASN E 35 14.27 38.32 9.45
N TRP E 36 13.85 37.27 10.17
CA TRP E 36 13.51 36.02 9.53
C TRP E 36 12.03 35.96 9.44
N VAL E 37 11.52 35.55 8.27
CA VAL E 37 10.08 35.24 8.13
C VAL E 37 9.90 33.86 7.45
N ARG E 38 8.67 33.36 7.46
CA ARG E 38 8.43 32.03 6.91
C ARG E 38 7.02 31.89 6.37
N GLN E 39 6.86 31.03 5.36
CA GLN E 39 5.55 30.78 4.77
C GLN E 39 5.34 29.31 4.36
N ALA E 40 4.30 28.72 4.94
CA ALA E 40 3.80 27.39 4.61
C ALA E 40 3.04 27.45 3.29
N PRO E 41 3.08 26.36 2.48
CA PRO E 41 2.18 26.27 1.31
C PRO E 41 0.70 26.47 1.64
N GLY E 42 0.04 27.35 0.89
CA GLY E 42 -1.38 27.67 1.14
C GLY E 42 -1.65 28.37 2.48
N LYS E 43 -0.60 28.93 3.08
CA LYS E 43 -0.71 29.71 4.30
C LYS E 43 -0.04 31.05 4.06
N GLY E 44 -0.25 31.97 5.00
CA GLY E 44 0.23 33.33 4.89
C GLY E 44 1.53 33.49 5.63
N LEU E 45 2.15 34.65 5.47
CA LEU E 45 3.47 34.88 5.97
C LEU E 45 3.42 35.02 7.50
N GLU E 46 4.49 34.54 8.13
CA GLU E 46 4.59 34.58 9.57
C GLU E 46 5.99 35.05 9.89
N TRP E 47 6.07 35.99 10.82
CA TRP E 47 7.34 36.55 11.32
C TRP E 47 7.94 35.65 12.36
N VAL E 48 9.21 35.29 12.12
CA VAL E 48 9.94 34.38 13.01
C VAL E 48 10.63 35.16 14.10
N GLY E 49 11.45 36.13 13.70
CA GLY E 49 12.24 36.94 14.64
C GLY E 49 13.08 38.01 13.96
N ARG E 50 13.75 38.83 14.76
CA ARG E 50 14.66 39.86 14.27
C ARG E 50 15.88 40.03 15.17
N ILE E 51 16.95 40.55 14.56
CA ILE E 51 18.15 40.98 15.26
C ILE E 51 18.40 42.41 14.84
N LYS E 52 18.38 43.31 15.82
CA LYS E 52 18.64 44.74 15.61
C LYS E 52 20.08 44.99 15.15
N SER E 53 20.43 46.25 14.86
CA SER E 53 21.82 46.59 14.56
C SER E 53 22.62 46.67 15.84
N ARG E 54 23.94 46.54 15.68
CA ARG E 54 24.88 46.69 16.78
C ARG E 54 24.78 48.10 17.34
N THR E 55 24.69 49.10 16.46
CA THR E 55 24.46 50.51 16.84
C THR E 55 23.28 50.64 17.82
N ASP E 56 22.20 49.91 17.56
CA ASP E 56 21.03 49.86 18.46
C ASP E 56 21.05 48.71 19.48
N GLY E 57 22.24 48.21 19.82
CA GLY E 57 22.38 47.24 20.91
C GLY E 57 22.47 45.79 20.47
N GLY E 58 21.76 45.45 19.38
CA GLY E 58 21.94 44.17 18.70
C GLY E 58 21.27 42.98 19.36
N THR E 59 20.08 43.22 19.95
CA THR E 59 19.34 42.20 20.68
C THR E 59 18.48 41.41 19.70
N THR E 60 17.76 40.40 20.19
CA THR E 60 16.87 39.61 19.34
C THR E 60 15.44 39.52 19.89
N ASP E 61 14.49 39.37 18.97
CA ASP E 61 13.10 39.13 19.33
C ASP E 61 12.63 37.94 18.52
N TYR E 62 11.73 37.14 19.10
CA TYR E 62 11.18 35.96 18.44
C TYR E 62 9.66 35.89 18.56
N ALA E 63 9.07 35.14 17.64
CA ALA E 63 7.64 34.87 17.68
C ALA E 63 7.37 33.88 18.81
N ALA E 64 6.17 33.93 19.37
CA ALA E 64 5.82 33.04 20.48
C ALA E 64 5.92 31.57 20.06
N SER E 65 5.59 31.28 18.82
CA SER E 65 5.63 29.92 18.31
C SER E 65 7.06 29.34 18.19
N VAL E 66 8.09 30.17 18.25
CA VAL E 66 9.49 29.68 18.15
C VAL E 66 10.38 29.97 19.36
N LYS E 67 9.88 30.71 20.34
CA LYS E 67 10.73 31.03 21.48
C LYS E 67 11.19 29.76 22.25
N GLY E 68 12.47 29.73 22.60
CA GLY E 68 13.06 28.58 23.27
C GLY E 68 13.70 27.61 22.30
N ARG E 69 13.41 27.76 21.01
CA ARG E 69 13.88 26.80 20.01
C ARG E 69 14.77 27.41 18.90
N PHE E 70 14.45 28.62 18.43
CA PHE E 70 15.20 29.26 17.33
C PHE E 70 16.12 30.36 17.85
N THR E 71 17.30 30.47 17.23
CA THR E 71 18.35 31.41 17.64
C THR E 71 18.87 32.18 16.43
N ILE E 72 18.67 33.50 16.46
CA ILE E 72 19.10 34.35 15.38
C ILE E 72 20.35 35.08 15.84
N SER E 73 21.31 35.18 14.92
CA SER E 73 22.56 35.87 15.15
C SER E 73 23.03 36.37 13.79
N ARG E 74 24.05 37.22 13.83
CA ARG E 74 24.62 37.89 12.68
C ARG E 74 26.14 37.99 12.86
N ASP E 75 26.83 37.96 11.73
CA ASP E 75 28.27 38.17 11.65
C ASP E 75 28.52 39.28 10.65
N ASP E 76 28.64 40.50 11.17
CA ASP E 76 28.82 41.69 10.36
C ASP E 76 30.02 41.58 9.44
N SER E 77 31.16 41.06 9.94
CA SER E 77 32.37 40.89 9.11
C SER E 77 32.15 40.07 7.81
N LYS E 78 31.17 39.17 7.80
CA LYS E 78 30.87 38.40 6.60
C LYS E 78 29.44 38.62 6.04
N ASN E 79 28.83 39.75 6.39
CA ASN E 79 27.53 40.15 5.83
C ASN E 79 26.44 39.09 5.97
N THR E 80 26.53 38.32 7.06
CA THR E 80 25.74 37.08 7.19
C THR E 80 24.78 37.08 8.36
N LEU E 81 23.54 36.67 8.08
CA LEU E 81 22.53 36.49 9.09
C LEU E 81 22.29 34.98 9.24
N TYR E 82 22.04 34.54 10.48
CA TYR E 82 21.84 33.14 10.84
C TYR E 82 20.51 32.90 11.54
N LEU E 83 19.94 31.72 11.35
CA LEU E 83 18.83 31.18 12.17
C LEU E 83 19.18 29.74 12.54
N GLN E 84 19.49 29.52 13.81
CA GLN E 84 19.69 28.18 14.36
C GLN E 84 18.32 27.67 14.78
N MET E 85 17.90 26.54 14.22
CA MET E 85 16.58 25.98 14.51
C MET E 85 16.74 24.68 15.26
N ASN E 86 16.41 24.66 16.55
CA ASN E 86 16.41 23.42 17.31
C ASN E 86 14.99 22.92 17.54
N SER E 87 14.87 21.68 18.00
CA SER E 87 13.58 21.07 18.35
C SER E 87 12.53 21.20 17.25
N LEU E 88 12.91 20.92 16.00
CA LEU E 88 12.02 21.21 14.88
C LEU E 88 10.72 20.43 14.91
N LYS E 89 9.63 21.11 14.55
CA LYS E 89 8.31 20.49 14.51
C LYS E 89 7.84 20.45 13.08
N THR E 90 6.96 19.50 12.76
CA THR E 90 6.34 19.39 11.44
C THR E 90 5.68 20.72 11.04
N GLU E 91 5.07 21.41 11.99
CA GLU E 91 4.49 22.72 11.72
C GLU E 91 5.50 23.84 11.46
N ASP E 92 6.79 23.59 11.69
CA ASP E 92 7.84 24.57 11.32
C ASP E 92 8.17 24.51 9.83
N THR E 93 7.58 23.52 9.14
CA THR E 93 7.82 23.33 7.71
C THR E 93 7.39 24.56 6.97
N ALA E 94 8.26 25.10 6.12
CA ALA E 94 7.94 26.32 5.39
C ALA E 94 9.08 26.76 4.50
N VAL E 95 8.87 27.84 3.75
CA VAL E 95 9.93 28.54 3.05
C VAL E 95 10.31 29.66 3.98
N TYR E 96 11.58 29.72 4.37
CA TYR E 96 12.04 30.75 5.27
C TYR E 96 12.74 31.81 4.44
N SER E 97 12.44 33.08 4.70
CA SER E 97 13.03 34.23 4.01
C SER E 97 13.73 35.17 4.95
N CYS E 98 14.79 35.82 4.49
CA CYS E 98 15.32 36.97 5.26
C CYS E 98 14.87 38.27 4.63
N THR E 99 14.64 39.27 5.49
CA THR E 99 14.25 40.59 5.05
C THR E 99 15.06 41.64 5.84
N THR E 100 15.29 42.81 5.26
CA THR E 100 15.83 43.94 6.03
C THR E 100 14.68 44.79 6.53
N ASP E 101 14.88 45.50 7.62
CA ASP E 101 14.04 46.64 7.91
C ASP E 101 14.55 47.85 7.12
N GLY E 102 13.73 48.32 6.20
CA GLY E 102 14.01 49.52 5.44
C GLY E 102 13.13 50.64 5.94
N PHE E 103 13.33 51.83 5.36
CA PHE E 103 12.52 52.98 5.71
C PHE E 103 12.25 53.97 4.59
N ILE E 104 11.13 54.68 4.75
CA ILE E 104 10.88 55.93 4.06
C ILE E 104 10.85 57.04 5.12
N MET E 105 11.74 58.02 4.98
CA MET E 105 11.77 59.17 5.86
C MET E 105 11.08 60.30 5.12
N ILE E 106 10.27 61.05 5.87
CA ILE E 106 9.68 62.27 5.34
C ILE E 106 10.17 63.46 6.16
N ARG E 107 10.71 64.45 5.46
CA ARG E 107 11.12 65.70 6.08
C ARG E 107 9.88 66.45 6.54
N GLY E 108 9.77 66.63 7.85
CA GLY E 108 8.64 67.34 8.46
C GLY E 108 8.90 68.83 8.48
N VAL E 109 8.74 69.46 9.63
CA VAL E 109 8.94 70.89 9.79
C VAL E 109 10.07 71.21 10.78
N SER E 110 10.22 70.35 11.79
CA SER E 110 11.33 70.43 12.74
C SER E 110 11.87 69.04 13.04
N GLU E 111 11.06 68.02 12.77
CA GLU E 111 11.46 66.65 13.02
C GLU E 111 11.22 65.81 11.78
N ASP E 112 12.05 64.78 11.65
CA ASP E 112 11.90 63.75 10.63
C ASP E 112 10.99 62.65 11.15
N TYR E 113 10.26 62.01 10.25
CA TYR E 113 9.40 60.90 10.63
C TYR E 113 9.74 59.72 9.74
N TYR E 114 10.16 58.65 10.40
CA TYR E 114 10.69 57.46 9.75
C TYR E 114 9.65 56.35 9.76
N TYR E 115 9.33 55.86 8.58
CA TYR E 115 8.37 54.78 8.44
C TYR E 115 9.18 53.59 8.04
N TYR E 116 9.13 52.54 8.87
CA TYR E 116 9.87 51.32 8.61
C TYR E 116 9.02 50.26 7.96
N TYR E 117 9.65 49.47 7.11
CA TYR E 117 8.99 48.36 6.43
C TYR E 117 10.01 47.30 6.06
N MET E 118 9.54 46.06 5.93
CA MET E 118 10.39 45.03 5.35
C MET E 118 10.69 45.42 3.91
N ASP E 119 11.96 45.69 3.68
CA ASP E 119 12.45 46.31 2.48
C ASP E 119 13.02 45.28 1.51
N VAL E 120 14.22 44.79 1.80
CA VAL E 120 14.84 43.78 0.94
C VAL E 120 14.33 42.42 1.39
N TRP E 121 13.98 41.57 0.42
CA TRP E 121 13.44 40.24 0.69
C TRP E 121 14.29 39.20 0.00
N GLY E 122 14.76 38.20 0.74
CA GLY E 122 15.40 37.05 0.13
C GLY E 122 14.43 36.24 -0.72
N LYS E 123 14.99 35.36 -1.55
CA LYS E 123 14.17 34.44 -2.35
C LYS E 123 13.63 33.27 -1.54
N GLY E 124 14.30 32.95 -0.44
CA GLY E 124 13.79 31.92 0.46
C GLY E 124 14.47 30.58 0.33
N THR E 125 14.45 29.82 1.42
CA THR E 125 15.03 28.48 1.43
C THR E 125 14.00 27.56 2.09
N THR E 126 13.75 26.42 1.48
CA THR E 126 12.70 25.49 1.97
C THR E 126 13.19 24.59 3.08
N VAL E 127 12.50 24.61 4.23
CA VAL E 127 12.76 23.69 5.34
C VAL E 127 11.57 22.74 5.45
N THR E 128 11.78 21.46 5.20
CA THR E 128 10.75 20.43 5.38
C THR E 128 11.11 19.58 6.61
N VAL E 129 10.26 19.65 7.62
CA VAL E 129 10.38 18.84 8.82
C VAL E 129 9.34 17.74 8.63
N SER E 130 9.82 16.56 8.28
CA SER E 130 8.96 15.42 8.03
C SER E 130 9.72 14.13 8.31
N SER E 131 8.95 13.12 8.67
CA SER E 131 9.43 11.77 8.79
C SER E 131 9.46 11.01 7.45
N ALA E 132 8.95 11.64 6.37
CA ALA E 132 8.92 10.96 5.06
C ALA E 132 10.32 10.82 4.44
N SER E 133 10.53 9.77 3.64
CA SER E 133 11.79 9.62 2.94
C SER E 133 11.47 9.09 1.58
N THR E 134 12.47 9.07 0.71
CA THR E 134 12.34 8.57 -0.66
C THR E 134 11.45 7.33 -0.78
N LYS E 135 10.35 7.49 -1.51
CA LYS E 135 9.37 6.42 -1.71
C LYS E 135 8.77 6.57 -3.11
N GLY E 136 8.67 5.46 -3.86
CA GLY E 136 7.98 5.48 -5.15
C GLY E 136 6.49 5.32 -4.93
N PRO E 137 5.68 5.69 -5.92
CA PRO E 137 4.20 5.66 -5.73
C PRO E 137 3.49 4.28 -5.87
N SER E 138 2.32 4.12 -5.23
CA SER E 138 1.35 3.08 -5.63
C SER E 138 0.47 3.69 -6.71
N VAL E 139 0.20 2.95 -7.78
CA VAL E 139 -0.55 3.46 -8.92
C VAL E 139 -1.84 2.65 -9.00
N PHE E 140 -2.99 3.34 -9.06
CA PHE E 140 -4.30 2.72 -9.11
C PHE E 140 -5.08 3.25 -10.28
N PRO E 141 -5.97 2.42 -10.85
CA PRO E 141 -6.83 3.00 -11.90
C PRO E 141 -7.96 3.95 -11.40
N LEU E 142 -8.21 4.96 -12.22
CA LEU E 142 -9.38 5.79 -12.10
C LEU E 142 -10.38 5.39 -13.20
N ALA E 143 -11.54 4.87 -12.80
CA ALA E 143 -12.61 4.58 -13.78
C ALA E 143 -13.98 4.95 -13.18
N PRO E 144 -14.94 5.36 -14.05
CA PRO E 144 -16.17 5.98 -13.57
C PRO E 144 -17.04 5.05 -12.74
N CYS E 145 -17.99 5.62 -12.01
CA CYS E 145 -18.98 4.82 -11.34
C CYS E 145 -19.86 4.05 -12.36
N SER E 146 -20.80 4.75 -12.99
CA SER E 146 -21.70 4.12 -13.97
C SER E 146 -20.89 3.70 -15.21
N ARG E 147 -21.46 2.81 -16.03
CA ARG E 147 -20.78 2.36 -17.24
C ARG E 147 -20.61 3.52 -18.23
N SER E 148 -19.40 4.08 -18.25
CA SER E 148 -19.05 5.26 -19.04
C SER E 148 -18.97 4.92 -20.53
N THR E 149 -20.14 4.74 -21.14
CA THR E 149 -20.26 4.33 -22.54
C THR E 149 -21.42 5.03 -23.25
N SER E 150 -22.38 5.50 -22.48
CA SER E 150 -23.73 5.84 -22.96
C SER E 150 -23.90 6.96 -24.03
N GLY E 151 -22.79 7.45 -24.59
CA GLY E 151 -22.81 8.49 -25.64
C GLY E 151 -21.50 9.15 -26.07
N GLY E 152 -21.09 10.18 -25.33
CA GLY E 152 -20.12 11.18 -25.82
C GLY E 152 -18.67 10.88 -25.52
N THR E 153 -18.17 11.44 -24.41
CA THR E 153 -16.81 11.13 -23.96
C THR E 153 -16.78 10.37 -22.63
N ALA E 154 -15.67 9.70 -22.40
CA ALA E 154 -15.39 9.04 -21.14
C ALA E 154 -14.07 9.55 -20.59
N ALA E 155 -13.99 9.68 -19.26
CA ALA E 155 -12.75 9.93 -18.54
C ALA E 155 -12.22 8.63 -17.93
N LEU E 156 -10.94 8.39 -18.11
CA LEU E 156 -10.26 7.25 -17.52
C LEU E 156 -9.00 7.86 -16.91
N GLY E 157 -8.34 7.20 -15.96
CA GLY E 157 -7.10 7.77 -15.47
C GLY E 157 -6.29 6.94 -14.51
N CYS E 158 -5.28 7.58 -13.91
CA CYS E 158 -4.42 6.91 -12.94
C CYS E 158 -4.29 7.75 -11.71
N LEU E 159 -4.43 7.10 -10.56
CA LEU E 159 -4.13 7.66 -9.27
C LEU E 159 -2.72 7.34 -8.83
N VAL E 160 -1.89 8.37 -8.68
CA VAL E 160 -0.48 8.14 -8.37
C VAL E 160 -0.27 8.52 -6.89
N LYS E 161 -0.25 7.52 -6.02
CA LYS E 161 -0.36 7.70 -4.56
C LYS E 161 0.96 7.53 -3.83
N ASP E 162 1.22 8.39 -2.82
CA ASP E 162 2.22 8.14 -1.80
C ASP E 162 3.70 8.12 -2.25
N TYR E 163 4.21 9.21 -2.77
CA TYR E 163 5.60 9.19 -3.22
C TYR E 163 6.28 10.38 -2.60
N PHE E 164 7.62 10.33 -2.57
CA PHE E 164 8.39 11.40 -2.00
C PHE E 164 9.79 11.23 -2.50
N PRO E 165 10.46 12.35 -2.84
CA PRO E 165 9.85 13.66 -3.01
C PRO E 165 9.29 13.82 -4.43
N GLU E 166 8.92 15.04 -4.76
CA GLU E 166 8.68 15.42 -6.17
C GLU E 166 9.99 15.35 -6.97
N PRO E 167 9.89 15.19 -8.32
CA PRO E 167 8.72 15.09 -9.15
C PRO E 167 8.36 13.66 -9.57
N VAL E 168 7.13 13.55 -10.04
CA VAL E 168 6.61 12.37 -10.67
C VAL E 168 6.26 12.73 -12.11
N THR E 169 6.46 11.80 -13.03
CA THR E 169 6.15 12.08 -14.42
C THR E 169 5.13 11.01 -14.93
N VAL E 170 4.15 11.44 -15.72
CA VAL E 170 3.18 10.51 -16.26
C VAL E 170 3.03 10.78 -17.76
N SER E 171 3.07 9.72 -18.55
CA SER E 171 2.65 9.77 -19.94
C SER E 171 1.64 8.64 -20.18
N TRP E 172 1.11 8.56 -21.39
CA TRP E 172 0.07 7.59 -21.71
C TRP E 172 0.47 6.95 -23.00
N ASN E 173 0.37 5.64 -23.07
CA ASN E 173 0.73 4.95 -24.30
C ASN E 173 2.10 5.42 -24.78
N SER E 174 3.04 5.53 -23.85
CA SER E 174 4.45 5.73 -24.14
C SER E 174 4.73 7.06 -24.85
N GLY E 175 3.94 8.08 -24.53
CA GLY E 175 3.98 9.37 -25.25
C GLY E 175 3.11 9.45 -26.48
N ALA E 176 2.57 8.31 -26.91
CA ALA E 176 1.82 8.26 -28.15
C ALA E 176 0.43 8.87 -28.01
N LEU E 177 -0.04 9.00 -26.78
CA LEU E 177 -1.35 9.57 -26.48
C LEU E 177 -1.15 10.87 -25.74
N THR E 178 -1.54 11.95 -26.38
CA THR E 178 -1.34 13.29 -25.85
C THR E 178 -2.65 14.09 -25.89
N SER E 179 -3.52 13.79 -26.86
CA SER E 179 -4.78 14.50 -26.97
C SER E 179 -5.69 14.17 -25.78
N GLY E 180 -6.11 15.20 -25.05
CA GLY E 180 -7.06 15.02 -23.96
C GLY E 180 -6.47 14.52 -22.65
N VAL E 181 -5.16 14.58 -22.55
CA VAL E 181 -4.47 14.22 -21.30
C VAL E 181 -4.39 15.43 -20.34
N HIS E 182 -4.77 15.23 -19.10
CA HIS E 182 -4.70 16.25 -18.08
C HIS E 182 -4.11 15.58 -16.83
N THR E 183 -2.84 15.88 -16.55
CA THR E 183 -2.21 15.50 -15.29
C THR E 183 -2.31 16.69 -14.35
N PHE E 184 -2.68 16.42 -13.11
CA PHE E 184 -3.01 17.48 -12.20
C PHE E 184 -1.86 17.66 -11.23
N PRO E 185 -1.60 18.91 -10.76
CA PRO E 185 -0.64 18.99 -9.65
C PRO E 185 -0.99 18.17 -8.39
N ALA E 186 0.06 17.70 -7.74
CA ALA E 186 0.02 16.79 -6.63
C ALA E 186 -0.56 17.45 -5.40
N VAL E 187 -1.24 16.66 -4.58
CA VAL E 187 -1.58 17.12 -3.22
C VAL E 187 -0.49 16.60 -2.26
N LEU E 188 -0.29 17.32 -1.16
CA LEU E 188 0.71 16.97 -0.17
C LEU E 188 -0.09 16.52 1.05
N GLN E 189 0.18 15.30 1.50
CA GLN E 189 -0.51 14.75 2.64
C GLN E 189 0.28 15.06 3.91
N SER E 190 -0.39 14.89 5.03
CA SER E 190 0.17 15.08 6.35
C SER E 190 1.41 14.24 6.65
N SER E 191 1.55 13.10 5.97
CA SER E 191 2.66 12.19 6.16
C SER E 191 3.94 12.72 5.51
N GLY E 192 3.79 13.84 4.77
CA GLY E 192 4.88 14.36 3.96
C GLY E 192 4.95 13.72 2.59
N LEU E 193 4.01 12.82 2.30
CA LEU E 193 3.95 12.13 0.97
C LEU E 193 3.03 12.79 -0.06
N TYR E 194 3.35 12.71 -1.35
CA TYR E 194 2.55 13.39 -2.40
C TYR E 194 1.64 12.40 -3.16
N SER E 195 0.53 12.88 -3.71
CA SER E 195 -0.27 12.11 -4.65
C SER E 195 -0.77 13.06 -5.73
N LEU E 196 -0.82 12.58 -6.96
CA LEU E 196 -1.53 13.32 -7.99
C LEU E 196 -2.43 12.39 -8.83
N SER E 197 -3.24 12.96 -9.71
CA SER E 197 -3.95 12.12 -10.65
C SER E 197 -3.71 12.59 -12.08
N SER E 198 -3.87 11.67 -13.03
CA SER E 198 -3.77 11.99 -14.44
C SER E 198 -5.02 11.40 -15.09
N VAL E 199 -5.79 12.26 -15.78
CA VAL E 199 -6.96 11.79 -16.54
C VAL E 199 -6.76 11.93 -18.02
N VAL E 200 -7.50 11.12 -18.78
CA VAL E 200 -7.51 11.21 -20.24
C VAL E 200 -8.98 11.23 -20.56
N THR E 201 -9.42 12.14 -21.42
CA THR E 201 -10.80 12.02 -21.91
C THR E 201 -10.79 11.40 -23.31
N VAL E 202 -11.57 10.32 -23.50
CA VAL E 202 -11.66 9.61 -24.79
C VAL E 202 -13.10 9.53 -25.31
N PRO E 203 -13.27 9.22 -26.62
CA PRO E 203 -14.65 8.95 -27.05
C PRO E 203 -15.23 7.69 -26.36
N SER E 204 -16.43 7.84 -25.81
CA SER E 204 -17.17 6.73 -25.21
C SER E 204 -17.35 5.58 -26.19
N SER E 205 -18.03 5.85 -27.29
CA SER E 205 -18.22 4.82 -28.31
C SER E 205 -16.93 4.58 -29.08
N SER E 206 -15.86 4.24 -28.33
CA SER E 206 -14.57 3.87 -28.87
C SER E 206 -13.78 3.10 -27.83
N LEU E 207 -14.43 2.69 -26.74
CA LEU E 207 -13.70 2.17 -25.58
C LEU E 207 -13.23 0.72 -25.74
N GLY E 208 -13.82 0.05 -26.72
CA GLY E 208 -13.31 -1.24 -27.17
C GLY E 208 -11.99 -1.17 -27.93
N THR E 209 -12.02 -0.48 -29.09
CA THR E 209 -10.91 -0.36 -30.05
C THR E 209 -9.48 -0.66 -29.58
N GLN E 210 -9.04 -0.05 -28.48
CA GLN E 210 -7.61 0.02 -28.15
C GLN E 210 -7.38 0.09 -26.66
N THR E 211 -6.09 0.11 -26.26
CA THR E 211 -5.69 0.20 -24.87
C THR E 211 -5.13 1.56 -24.43
N TYR E 212 -5.25 1.82 -23.14
CA TYR E 212 -4.77 3.04 -22.50
C TYR E 212 -3.91 2.63 -21.32
N THR E 213 -2.63 3.01 -21.38
CA THR E 213 -1.63 2.61 -20.37
C THR E 213 -0.93 3.84 -19.86
N CYS E 214 -1.02 4.06 -18.56
CA CYS E 214 -0.27 5.16 -17.93
C CYS E 214 1.10 4.72 -17.54
N ASN E 215 2.09 5.48 -18.00
CA ASN E 215 3.48 5.24 -17.66
C ASN E 215 3.91 6.26 -16.61
N VAL E 216 4.19 5.77 -15.42
CA VAL E 216 4.53 6.61 -14.30
C VAL E 216 6.03 6.49 -14.02
N ASN E 217 6.76 7.60 -13.91
CA ASN E 217 8.20 7.51 -13.61
C ASN E 217 8.56 8.37 -12.40
N HIS E 218 9.17 7.76 -11.38
CA HIS E 218 9.57 8.54 -10.23
C HIS E 218 11.10 8.42 -10.12
N LYS E 219 11.78 9.37 -10.73
CA LYS E 219 13.20 9.29 -10.85
C LYS E 219 13.92 9.31 -9.49
N PRO E 220 13.47 10.17 -8.54
CA PRO E 220 14.01 10.10 -7.15
C PRO E 220 14.09 8.68 -6.55
N SER E 221 13.08 7.84 -6.77
CA SER E 221 13.17 6.46 -6.26
C SER E 221 13.56 5.49 -7.35
N ASN E 222 13.77 5.99 -8.58
CA ASN E 222 14.09 5.11 -9.69
C ASN E 222 13.05 3.98 -9.81
N THR E 223 11.78 4.36 -9.83
CA THR E 223 10.66 3.47 -9.94
C THR E 223 9.90 3.86 -11.20
N LYS E 224 9.49 2.87 -11.98
CA LYS E 224 8.64 3.10 -13.13
C LYS E 224 7.51 2.08 -13.07
N VAL E 225 6.30 2.51 -13.47
CA VAL E 225 5.12 1.68 -13.38
C VAL E 225 4.32 1.96 -14.65
N ASP E 226 3.95 0.88 -15.34
CA ASP E 226 2.94 0.89 -16.41
C ASP E 226 1.73 0.12 -15.94
N LYS E 227 0.60 0.80 -15.96
CA LYS E 227 -0.65 0.27 -15.48
C LYS E 227 -1.65 0.51 -16.60
N ARG E 228 -2.22 -0.55 -17.15
CA ARG E 228 -3.31 -0.42 -18.13
C ARG E 228 -4.64 -0.12 -17.40
N VAL E 229 -5.48 0.71 -18.02
CA VAL E 229 -6.75 1.06 -17.40
C VAL E 229 -7.86 0.57 -18.31
N GLU E 230 -8.59 -0.42 -17.83
CA GLU E 230 -9.55 -1.16 -18.63
C GLU E 230 -10.96 -0.67 -18.23
N LEU E 231 -11.60 0.07 -19.14
CA LEU E 231 -12.86 0.82 -18.93
C LEU E 231 -12.72 2.00 -17.95
N LYS F 1 16.47 66.18 15.09
CA LYS F 1 15.25 65.63 15.75
C LYS F 1 14.58 64.60 14.84
N SER F 2 14.22 63.44 15.39
CA SER F 2 13.58 62.40 14.56
C SER F 2 12.52 61.55 15.27
N ILE F 3 11.59 60.99 14.49
CA ILE F 3 10.54 60.12 14.98
C ILE F 3 10.66 58.80 14.24
N HIS F 4 10.40 57.70 14.97
CA HIS F 4 10.59 56.38 14.42
C HIS F 4 9.32 55.54 14.56
N LEU F 5 8.80 55.09 13.42
CA LEU F 5 7.53 54.39 13.35
C LEU F 5 7.67 52.97 12.80
N GLY F 6 7.62 52.01 13.72
CA GLY F 6 7.90 50.62 13.38
C GLY F 6 8.32 49.85 14.62
N PRO F 7 8.21 48.50 14.57
CA PRO F 7 8.36 47.58 15.69
C PRO F 7 9.73 47.56 16.35
N GLY F 8 9.74 47.42 17.67
CA GLY F 8 10.96 47.33 18.49
C GLY F 8 11.80 48.58 18.52
N ARG F 9 11.33 49.63 17.85
CA ARG F 9 12.03 50.91 17.72
C ARG F 9 11.44 51.92 18.69
N ALA F 10 12.28 52.84 19.14
CA ALA F 10 11.86 53.94 20.02
C ALA F 10 11.23 55.04 19.20
N PHE F 11 10.16 55.63 19.71
CA PHE F 11 9.52 56.75 19.03
C PHE F 11 10.52 57.87 18.65
N TYR F 12 10.80 58.76 19.60
CA TYR F 12 11.71 59.89 19.37
C TYR F 12 13.17 59.45 19.18
N ALA F 13 13.92 60.23 18.40
CA ALA F 13 15.39 60.17 18.39
C ALA F 13 16.01 61.48 17.86
#